data_1MIV
#
_entry.id   1MIV
#
_cell.length_a   105.861
_cell.length_b   105.861
_cell.length_c   183.658
_cell.angle_alpha   90.00
_cell.angle_beta   90.00
_cell.angle_gamma   120.00
#
_symmetry.space_group_name_H-M   'P 31 2 1'
#
loop_
_entity.id
_entity.type
_entity.pdbx_description
1 polymer 'tRNA CCA-adding enzyme'
2 non-polymer 'MAGNESIUM ION'
3 water water
#
_entity_poly.entity_id   1
_entity_poly.type   'polypeptide(L)'
_entity_poly.pdbx_seq_one_letter_code
;(MSE)KPPFQEALGIIQQLKQHGYDAYFVGGAVRDLLLGRPIGDVDIATSALPEDV(MSE)AIFPKTIDVGSKHGTVVVV
HKGKAYEVTTFKTDGDYEDYRRPESVTFVRSLEEDLKRRDFT(MSE)NAIA(MSE)DEYGTIIDPFGGREAIRRRIIRTV
GEAEKRFREDALR(MSE)(MSE)RAVRFVSELGFALAPDTEQAIVQNAPLLAHISVER(MSE)T(MSE)E(MSE)EKLLG
GPFAARALPLLAETGLNAYLPGLAGKEKQLRLAAAYRWPWLAAREERWALLCHALGVQESRPFLRAWKLPNKVVDEAGAI
LTALADIPRPEAWTNEQLFSAGLERALSVETVRAAFTGAPPGPWHEKLRRRFASLPIKTKGELAVNGKDVIEWVGKPAGP
WVKEALDAIWRAVVNGEVENEKERIYAWL(MSE)ERNRTREKNC
;
_entity_poly.pdbx_strand_id   A,B
#
# COMPACT_ATOMS: atom_id res chain seq x y z
N LYS A 2 -8.12 -24.31 -7.31
CA LYS A 2 -8.61 -23.97 -5.99
C LYS A 2 -9.02 -22.50 -5.84
N PRO A 3 -10.12 -22.27 -5.13
CA PRO A 3 -10.70 -20.93 -5.00
C PRO A 3 -9.70 -19.81 -4.74
N PRO A 4 -8.69 -19.95 -3.88
CA PRO A 4 -7.70 -18.87 -3.70
C PRO A 4 -7.24 -18.31 -5.02
N PHE A 5 -6.84 -19.15 -5.96
CA PHE A 5 -6.37 -18.69 -7.25
C PHE A 5 -7.50 -18.31 -8.16
N GLN A 6 -8.57 -19.09 -8.09
CA GLN A 6 -9.71 -18.90 -8.96
C GLN A 6 -10.06 -17.45 -9.04
N GLU A 7 -10.31 -16.82 -7.91
CA GLU A 7 -10.70 -15.42 -7.88
C GLU A 7 -9.66 -14.51 -8.54
N ALA A 8 -8.39 -14.76 -8.22
CA ALA A 8 -7.26 -13.93 -8.66
C ALA A 8 -6.88 -14.19 -10.12
N LEU A 9 -7.42 -15.27 -10.66
CA LEU A 9 -7.31 -15.55 -12.08
C LEU A 9 -7.60 -14.35 -12.94
N GLY A 10 -8.71 -13.67 -12.65
CA GLY A 10 -9.04 -12.43 -13.33
C GLY A 10 -7.82 -11.58 -13.67
N ILE A 11 -7.03 -11.27 -12.64
CA ILE A 11 -5.87 -10.40 -12.77
C ILE A 11 -4.93 -10.89 -13.85
N ILE A 12 -4.55 -12.16 -13.78
CA ILE A 12 -3.75 -12.76 -14.83
C ILE A 12 -4.50 -12.55 -16.11
N GLN A 13 -5.73 -13.07 -16.16
CA GLN A 13 -6.51 -13.09 -17.40
C GLN A 13 -6.47 -11.73 -18.07
N GLN A 14 -6.82 -10.69 -17.31
CA GLN A 14 -6.80 -9.32 -17.82
C GLN A 14 -5.43 -8.87 -18.33
N LEU A 15 -4.38 -9.10 -17.55
CA LEU A 15 -3.01 -8.76 -17.96
C LEU A 15 -2.58 -9.49 -19.22
N LYS A 16 -3.06 -10.70 -19.42
CA LYS A 16 -2.76 -11.43 -20.63
C LYS A 16 -3.49 -10.83 -21.88
N GLN A 17 -4.75 -10.41 -21.72
CA GLN A 17 -5.57 -9.84 -22.81
C GLN A 17 -4.95 -8.58 -23.40
N HIS A 18 -4.20 -7.86 -22.56
CA HIS A 18 -3.48 -6.68 -22.99
C HIS A 18 -2.07 -7.03 -23.40
N GLY A 19 -1.84 -8.32 -23.67
CA GLY A 19 -0.58 -8.81 -24.18
C GLY A 19 0.62 -8.70 -23.25
N TYR A 20 0.49 -9.20 -22.02
CA TYR A 20 1.60 -9.10 -21.08
C TYR A 20 2.20 -10.43 -20.58
N ASP A 21 1.37 -11.36 -20.10
CA ASP A 21 1.87 -12.67 -19.61
C ASP A 21 2.31 -12.54 -18.16
N ALA A 22 1.58 -13.23 -17.30
CA ALA A 22 1.75 -13.15 -15.86
C ALA A 22 1.44 -14.51 -15.25
N TYR A 23 1.96 -14.70 -14.04
CA TYR A 23 1.89 -15.96 -13.33
C TYR A 23 1.61 -15.81 -11.84
N PHE A 24 0.96 -16.83 -11.30
CA PHE A 24 0.97 -17.00 -9.90
C PHE A 24 2.36 -17.49 -9.58
N VAL A 25 3.10 -16.73 -8.77
CA VAL A 25 4.38 -17.20 -8.22
C VAL A 25 4.24 -17.23 -6.73
N GLY A 26 5.27 -17.74 -6.05
CA GLY A 26 5.42 -17.51 -4.61
C GLY A 26 4.93 -18.58 -3.63
N GLY A 27 4.70 -18.17 -2.38
CA GLY A 27 4.33 -19.09 -1.33
C GLY A 27 3.08 -19.84 -1.68
N ALA A 28 2.13 -19.07 -2.18
CA ALA A 28 0.85 -19.60 -2.62
C ALA A 28 1.01 -20.90 -3.37
N VAL A 29 1.99 -20.92 -4.25
CA VAL A 29 2.28 -22.08 -5.06
C VAL A 29 2.79 -23.22 -4.21
N ARG A 30 3.92 -22.97 -3.52
CA ARG A 30 4.46 -23.90 -2.56
C ARG A 30 3.33 -24.40 -1.70
N ASP A 31 2.65 -23.50 -0.98
CA ASP A 31 1.54 -23.87 -0.10
C ASP A 31 0.54 -24.85 -0.75
N LEU A 32 0.20 -24.61 -2.00
CA LEU A 32 -0.65 -25.56 -2.73
C LEU A 32 0.00 -26.94 -2.83
N LEU A 33 1.17 -26.96 -3.46
CA LEU A 33 1.94 -28.17 -3.65
C LEU A 33 2.21 -28.88 -2.33
N LEU A 34 2.48 -28.13 -1.29
CA LEU A 34 2.73 -28.71 0.01
C LEU A 34 1.43 -29.16 0.64
N GLY A 35 0.35 -28.46 0.33
CA GLY A 35 -0.93 -28.81 0.88
C GLY A 35 -1.24 -28.08 2.16
N ARG A 36 -0.65 -26.89 2.35
CA ARG A 36 -1.07 -25.99 3.44
C ARG A 36 -2.23 -25.16 2.96
N PRO A 37 -3.03 -24.72 3.90
CA PRO A 37 -3.97 -23.62 3.60
C PRO A 37 -3.23 -22.52 2.82
N ILE A 38 -3.89 -21.91 1.83
CA ILE A 38 -3.21 -20.91 1.03
C ILE A 38 -3.51 -19.49 1.51
N GLY A 39 -2.43 -18.77 1.82
CA GLY A 39 -2.51 -17.44 2.37
C GLY A 39 -2.67 -16.42 1.28
N ASP A 40 -1.69 -15.52 1.15
CA ASP A 40 -1.73 -14.54 0.09
C ASP A 40 -1.30 -15.16 -1.22
N VAL A 41 -2.11 -14.94 -2.24
CA VAL A 41 -1.72 -15.35 -3.56
C VAL A 41 -0.99 -14.17 -4.10
N ASP A 42 0.12 -14.43 -4.77
CA ASP A 42 0.95 -13.36 -5.31
C ASP A 42 1.09 -13.54 -6.81
N ILE A 43 0.99 -12.44 -7.56
CA ILE A 43 1.17 -12.46 -9.04
C ILE A 43 2.43 -11.71 -9.48
N ALA A 44 3.15 -12.29 -10.43
CA ALA A 44 4.23 -11.54 -11.03
C ALA A 44 3.99 -11.49 -12.51
N THR A 45 4.34 -10.37 -13.14
CA THR A 45 4.13 -10.18 -14.57
C THR A 45 5.23 -9.40 -15.26
N SER A 46 5.21 -9.42 -16.58
CA SER A 46 6.11 -8.63 -17.39
C SER A 46 5.59 -7.23 -17.62
N ALA A 47 4.31 -7.02 -17.31
CA ALA A 47 3.71 -5.69 -17.36
C ALA A 47 4.35 -4.80 -16.32
N LEU A 48 4.75 -3.61 -16.75
CA LEU A 48 5.44 -2.66 -15.88
C LEU A 48 4.46 -1.97 -14.92
N PRO A 49 4.93 -1.60 -13.74
CA PRO A 49 4.07 -1.03 -12.69
C PRO A 49 2.99 -0.09 -13.22
N GLU A 50 3.38 0.83 -14.10
CA GLU A 50 2.44 1.77 -14.71
C GLU A 50 1.33 1.03 -15.45
N ASP A 51 1.73 0.15 -16.36
CA ASP A 51 0.78 -0.64 -17.14
C ASP A 51 -0.18 -1.37 -16.22
N VAL A 52 0.30 -1.78 -15.07
CA VAL A 52 -0.52 -2.42 -14.05
C VAL A 52 -1.54 -1.41 -13.43
N ALA A 54 -2.61 1.22 -14.87
CA ALA A 54 -3.44 1.66 -15.98
C ALA A 54 -4.65 0.74 -16.17
N ILE A 55 -4.45 -0.57 -16.00
CA ILE A 55 -5.46 -1.58 -16.35
C ILE A 55 -6.50 -1.84 -15.28
N PHE A 56 -6.06 -1.81 -14.02
CA PHE A 56 -6.95 -2.09 -12.89
C PHE A 56 -7.39 -0.79 -12.28
N PRO A 57 -8.68 -0.70 -11.98
CA PRO A 57 -9.24 0.50 -11.39
C PRO A 57 -8.52 0.81 -10.09
N LYS A 58 -8.84 0.10 -9.01
CA LYS A 58 -8.15 0.35 -7.76
C LYS A 58 -6.74 -0.27 -7.73
N THR A 59 -5.77 0.64 -7.61
CA THR A 59 -4.36 0.35 -7.51
C THR A 59 -3.88 0.92 -6.18
N ILE A 60 -2.75 0.42 -5.71
CA ILE A 60 -2.11 0.97 -4.54
C ILE A 60 -0.59 0.88 -4.67
N ASP A 61 0.03 1.89 -5.27
CA ASP A 61 1.49 1.94 -5.32
C ASP A 61 2.06 1.69 -3.92
N VAL A 62 2.87 0.65 -3.79
CA VAL A 62 3.56 0.37 -2.54
C VAL A 62 5.04 0.66 -2.75
N GLY A 63 5.52 0.26 -3.91
CA GLY A 63 6.91 0.43 -4.27
C GLY A 63 7.11 0.11 -5.73
N SER A 64 6.55 0.96 -6.59
CA SER A 64 6.75 0.87 -8.04
C SER A 64 8.22 1.02 -8.40
N LYS A 65 9.03 1.43 -7.43
CA LYS A 65 10.48 1.58 -7.60
C LYS A 65 11.19 0.22 -7.76
N HIS A 66 10.69 -0.81 -7.07
CA HIS A 66 11.22 -2.19 -7.16
C HIS A 66 10.22 -3.17 -7.78
N GLY A 67 9.22 -2.62 -8.45
CA GLY A 67 8.33 -3.40 -9.29
C GLY A 67 7.12 -4.01 -8.61
N THR A 68 6.79 -3.55 -7.41
CA THR A 68 5.65 -4.09 -6.70
C THR A 68 4.50 -3.11 -6.70
N VAL A 69 3.30 -3.62 -6.95
CA VAL A 69 2.10 -2.80 -6.93
C VAL A 69 0.97 -3.64 -6.38
N VAL A 70 0.28 -3.15 -5.35
CA VAL A 70 -0.84 -3.89 -4.82
C VAL A 70 -2.14 -3.57 -5.57
N VAL A 71 -2.80 -4.62 -6.04
CA VAL A 71 -3.99 -4.49 -6.87
C VAL A 71 -5.17 -5.01 -6.12
N VAL A 72 -6.06 -4.10 -5.74
CA VAL A 72 -7.34 -4.49 -5.16
C VAL A 72 -8.29 -4.94 -6.26
N HIS A 73 -8.45 -6.27 -6.32
CA HIS A 73 -9.33 -6.95 -7.24
C HIS A 73 -10.43 -7.65 -6.47
N LYS A 74 -11.67 -7.48 -6.92
CA LYS A 74 -12.84 -8.14 -6.32
C LYS A 74 -12.80 -8.15 -4.80
N GLY A 75 -12.34 -7.05 -4.20
CA GLY A 75 -12.31 -6.94 -2.75
C GLY A 75 -11.22 -7.70 -2.00
N LYS A 76 -10.11 -8.01 -2.69
CA LYS A 76 -8.91 -8.62 -2.06
C LYS A 76 -7.61 -8.03 -2.58
N ALA A 77 -6.63 -7.92 -1.70
CA ALA A 77 -5.37 -7.29 -2.04
C ALA A 77 -4.51 -8.28 -2.80
N TYR A 78 -3.84 -7.87 -3.87
CA TYR A 78 -2.93 -8.83 -4.45
C TYR A 78 -1.65 -8.18 -4.83
N GLU A 79 -0.53 -8.83 -4.51
CA GLU A 79 0.76 -8.22 -4.70
C GLU A 79 1.26 -8.49 -6.11
N VAL A 80 1.06 -7.56 -7.03
CA VAL A 80 1.59 -7.75 -8.38
C VAL A 80 2.96 -7.14 -8.61
N THR A 81 3.84 -7.90 -9.27
CA THR A 81 5.25 -7.57 -9.38
C THR A 81 5.81 -7.74 -10.78
N THR A 82 6.45 -6.69 -11.26
CA THR A 82 7.09 -6.73 -12.56
C THR A 82 8.36 -7.54 -12.47
N PHE A 83 8.56 -8.47 -13.38
CA PHE A 83 9.71 -9.36 -13.32
C PHE A 83 10.95 -8.54 -13.07
N LYS A 84 11.90 -9.11 -12.31
CA LYS A 84 13.09 -8.37 -11.96
C LYS A 84 14.30 -9.26 -11.72
N THR A 85 15.50 -8.68 -11.89
CA THR A 85 16.77 -9.31 -11.53
C THR A 85 17.53 -8.43 -10.53
N ASP A 86 17.61 -8.86 -9.27
CA ASP A 86 18.29 -8.11 -8.19
C ASP A 86 19.71 -7.64 -8.57
N GLY A 87 19.88 -6.31 -8.70
CA GLY A 87 21.13 -5.71 -9.10
C GLY A 87 22.33 -6.06 -8.22
N SER A 97 19.68 -0.27 -7.45
CA SER A 97 18.55 -0.23 -8.38
C SER A 97 18.21 -1.63 -8.89
N VAL A 98 17.02 -1.74 -9.49
CA VAL A 98 16.53 -3.01 -10.03
C VAL A 98 16.35 -2.97 -11.57
N THR A 99 16.51 -4.13 -12.21
CA THR A 99 16.34 -4.31 -13.66
C THR A 99 15.09 -5.17 -13.99
N PHE A 100 14.19 -4.59 -14.78
CA PHE A 100 12.98 -5.27 -15.26
C PHE A 100 13.27 -6.07 -16.54
N VAL A 101 12.77 -7.30 -16.60
CA VAL A 101 12.91 -8.13 -17.79
C VAL A 101 11.55 -8.59 -18.33
N ARG A 102 11.56 -9.61 -19.19
CA ARG A 102 10.34 -10.22 -19.72
C ARG A 102 10.31 -11.74 -19.47
N SER A 103 11.39 -12.23 -18.86
CA SER A 103 11.56 -13.66 -18.61
C SER A 103 11.11 -14.03 -17.21
N LEU A 104 10.05 -14.83 -17.13
CA LEU A 104 9.63 -15.33 -15.86
C LEU A 104 10.83 -15.95 -15.26
N GLU A 105 11.45 -16.87 -15.99
CA GLU A 105 12.61 -17.59 -15.52
C GLU A 105 13.65 -16.70 -14.84
N GLU A 106 13.93 -15.53 -15.40
CA GLU A 106 14.91 -14.61 -14.79
C GLU A 106 14.45 -14.07 -13.44
N ASP A 107 13.13 -13.97 -13.24
CA ASP A 107 12.54 -13.56 -11.97
C ASP A 107 12.68 -14.64 -10.90
N LEU A 108 12.11 -15.81 -11.12
CA LEU A 108 12.22 -16.91 -10.18
C LEU A 108 13.67 -17.16 -9.78
N LYS A 109 14.60 -17.03 -10.73
CA LYS A 109 16.01 -17.23 -10.46
C LYS A 109 16.56 -16.27 -9.40
N ARG A 110 15.81 -15.23 -9.06
CA ARG A 110 16.22 -14.31 -8.01
C ARG A 110 15.62 -14.64 -6.62
N ARG A 111 14.72 -15.62 -6.58
CA ARG A 111 14.02 -16.01 -5.34
C ARG A 111 14.93 -16.69 -4.34
N ASP A 112 14.51 -16.74 -3.09
CA ASP A 112 15.42 -17.14 -2.02
C ASP A 112 15.74 -18.63 -1.96
N PHE A 113 14.70 -19.46 -1.99
CA PHE A 113 14.89 -20.89 -1.84
C PHE A 113 14.00 -21.60 -2.84
N THR A 114 14.47 -22.74 -3.35
CA THR A 114 13.72 -23.48 -4.38
C THR A 114 12.20 -23.49 -4.11
N ASN A 116 10.27 -21.83 -3.00
CA ASN A 116 9.62 -20.57 -3.21
C ASN A 116 9.51 -20.15 -4.65
N ALA A 117 10.44 -20.66 -5.45
CA ALA A 117 10.59 -20.19 -6.82
C ALA A 117 9.79 -20.98 -7.84
N ILE A 118 8.69 -21.59 -7.41
CA ILE A 118 7.79 -22.26 -8.34
C ILE A 118 6.84 -21.22 -8.89
N ALA A 119 6.11 -21.54 -9.96
CA ALA A 119 5.15 -20.63 -10.58
C ALA A 119 4.07 -21.44 -11.26
N ASP A 121 0.58 -21.17 -14.09
CA ASP A 121 -0.04 -20.36 -15.13
C ASP A 121 -1.55 -20.45 -15.13
N GLU A 122 -2.20 -19.54 -15.83
CA GLU A 122 -3.64 -19.47 -15.89
C GLU A 122 -4.37 -20.84 -16.00
N TYR A 123 -3.71 -21.80 -16.63
CA TYR A 123 -4.34 -23.08 -16.93
C TYR A 123 -4.10 -24.10 -15.85
N GLY A 124 -3.27 -23.70 -14.87
CA GLY A 124 -2.89 -24.53 -13.73
C GLY A 124 -1.64 -25.39 -13.91
N THR A 125 -0.77 -24.97 -14.82
CA THR A 125 0.37 -25.77 -15.20
C THR A 125 1.59 -25.31 -14.48
N ILE A 126 2.07 -26.16 -13.58
CA ILE A 126 3.23 -25.87 -12.74
C ILE A 126 4.57 -25.68 -13.46
N ILE A 127 5.25 -24.61 -13.13
CA ILE A 127 6.49 -24.28 -13.76
C ILE A 127 7.50 -24.27 -12.67
N ASP A 128 8.11 -25.41 -12.44
CA ASP A 128 9.26 -25.54 -11.54
C ASP A 128 10.51 -25.83 -12.37
N PRO A 129 11.31 -24.78 -12.58
CA PRO A 129 12.56 -24.92 -13.33
C PRO A 129 13.77 -25.09 -12.39
N PHE A 130 13.55 -25.16 -11.07
CA PHE A 130 14.67 -25.20 -10.13
C PHE A 130 14.64 -26.30 -9.10
N GLY A 131 13.67 -27.22 -9.22
CA GLY A 131 13.53 -28.32 -8.27
C GLY A 131 12.63 -28.10 -7.05
N GLY A 132 12.18 -26.87 -6.84
CA GLY A 132 11.19 -26.59 -5.84
C GLY A 132 10.32 -27.82 -5.66
N ARG A 133 9.79 -28.37 -6.74
CA ARG A 133 8.79 -29.41 -6.62
C ARG A 133 9.34 -30.58 -5.85
N GLU A 134 10.61 -30.91 -6.09
CA GLU A 134 11.28 -32.03 -5.40
C GLU A 134 11.57 -31.63 -4.00
N ALA A 135 12.09 -30.41 -3.84
CA ALA A 135 12.34 -29.85 -2.51
C ALA A 135 11.13 -30.03 -1.60
N ILE A 136 9.94 -29.77 -2.13
CA ILE A 136 8.72 -29.88 -1.34
C ILE A 136 8.34 -31.34 -1.03
N ARG A 137 8.48 -32.21 -2.00
CA ARG A 137 8.26 -33.63 -1.75
C ARG A 137 9.18 -34.09 -0.64
N ARG A 138 10.47 -33.72 -0.75
CA ARG A 138 11.50 -34.08 0.23
C ARG A 138 11.47 -33.22 1.50
N ARG A 139 10.70 -32.13 1.47
CA ARG A 139 10.54 -31.26 2.64
C ARG A 139 11.87 -30.64 3.09
N ILE A 140 12.50 -29.93 2.15
CA ILE A 140 13.84 -29.40 2.36
C ILE A 140 13.97 -27.97 1.91
N ILE A 141 14.80 -27.23 2.63
CA ILE A 141 15.03 -25.85 2.32
C ILE A 141 16.33 -25.79 1.57
N ARG A 142 16.31 -25.46 0.31
CA ARG A 142 17.57 -25.35 -0.39
C ARG A 142 17.68 -24.03 -1.11
N THR A 143 18.87 -23.48 -1.12
CA THR A 143 19.14 -22.22 -1.81
C THR A 143 19.05 -22.31 -3.34
N VAL A 144 18.46 -21.29 -3.95
CA VAL A 144 18.44 -21.14 -5.39
C VAL A 144 19.80 -20.69 -5.89
N GLY A 145 20.63 -21.66 -6.25
CA GLY A 145 22.00 -21.39 -6.65
C GLY A 145 22.97 -21.61 -5.50
N GLU A 146 24.08 -20.88 -5.53
CA GLU A 146 25.17 -21.04 -4.57
C GLU A 146 24.75 -20.51 -3.20
N ALA A 147 24.45 -21.44 -2.29
CA ALA A 147 24.09 -21.10 -0.92
C ALA A 147 24.97 -19.98 -0.32
N GLU A 148 26.26 -20.02 -0.67
CA GLU A 148 27.21 -19.02 -0.24
C GLU A 148 26.89 -17.69 -0.88
N LYS A 149 26.96 -17.63 -2.21
CA LYS A 149 26.78 -16.37 -2.95
C LYS A 149 25.52 -15.65 -2.49
N ARG A 150 24.43 -16.40 -2.38
CA ARG A 150 23.15 -15.84 -1.98
C ARG A 150 23.27 -15.10 -0.65
N PHE A 151 23.78 -15.79 0.37
CA PHE A 151 23.89 -15.22 1.71
C PHE A 151 24.75 -13.96 1.73
N ARG A 152 25.69 -13.87 0.80
CA ARG A 152 26.54 -12.69 0.67
C ARG A 152 25.73 -11.48 0.24
N GLU A 153 24.86 -11.67 -0.76
CA GLU A 153 23.95 -10.62 -1.22
C GLU A 153 23.02 -10.11 -0.12
N ASP A 154 22.39 -11.05 0.58
CA ASP A 154 21.54 -10.71 1.71
C ASP A 154 21.66 -11.74 2.84
N ALA A 155 22.29 -11.32 3.93
CA ALA A 155 22.52 -12.21 5.07
C ALA A 155 21.23 -12.65 5.72
N LEU A 156 20.23 -11.78 5.67
CA LEU A 156 18.95 -12.09 6.26
C LEU A 156 18.40 -13.41 5.72
N ARG A 157 18.81 -13.78 4.51
CA ARG A 157 18.35 -15.03 3.90
C ARG A 157 18.58 -16.23 4.81
N ARG A 160 15.70 -16.31 7.52
CA ARG A 160 14.45 -16.90 7.01
C ARG A 160 14.61 -18.41 6.98
N ALA A 161 15.75 -18.88 6.49
CA ALA A 161 15.98 -20.33 6.38
C ALA A 161 15.58 -21.01 7.69
N VAL A 162 16.18 -20.59 8.80
CA VAL A 162 15.78 -21.07 10.13
C VAL A 162 14.29 -20.85 10.37
N ARG A 163 13.81 -19.64 10.08
CA ARG A 163 12.37 -19.40 10.20
C ARG A 163 11.58 -20.51 9.49
N PHE A 164 11.87 -20.76 8.21
CA PHE A 164 11.03 -21.67 7.42
C PHE A 164 10.97 -23.01 8.08
N VAL A 165 12.09 -23.37 8.67
CA VAL A 165 12.16 -24.56 9.49
C VAL A 165 11.07 -24.50 10.58
N SER A 166 10.93 -23.34 11.22
CA SER A 166 9.87 -23.13 12.19
C SER A 166 8.41 -23.19 11.66
N GLU A 167 8.15 -22.57 10.50
CA GLU A 167 6.81 -22.54 9.93
C GLU A 167 6.45 -23.76 9.09
N LEU A 168 7.45 -24.44 8.57
CA LEU A 168 7.13 -25.53 7.70
C LEU A 168 7.57 -26.89 8.23
N GLY A 169 8.66 -26.92 9.00
CA GLY A 169 9.15 -28.19 9.49
C GLY A 169 9.94 -28.88 8.41
N PHE A 170 10.50 -28.06 7.53
CA PHE A 170 11.43 -28.55 6.54
C PHE A 170 12.75 -28.63 7.27
N ALA A 171 13.70 -29.34 6.68
CA ALA A 171 15.05 -29.39 7.24
C ALA A 171 15.91 -28.57 6.34
N LEU A 172 16.97 -27.97 6.87
CA LEU A 172 17.93 -27.29 6.03
C LEU A 172 18.61 -28.30 5.10
N ALA A 173 19.27 -27.80 4.06
CA ALA A 173 20.05 -28.67 3.20
C ALA A 173 21.48 -28.70 3.72
N PRO A 174 22.12 -29.89 3.68
CA PRO A 174 23.52 -30.03 4.09
C PRO A 174 24.37 -28.83 3.69
N ASP A 175 24.42 -28.54 2.39
CA ASP A 175 25.21 -27.42 1.87
C ASP A 175 24.71 -26.05 2.35
N THR A 176 23.39 -25.91 2.44
CA THR A 176 22.75 -24.67 2.86
C THR A 176 23.12 -24.41 4.31
N GLU A 177 22.77 -25.36 5.16
CA GLU A 177 23.12 -25.31 6.57
C GLU A 177 24.60 -24.95 6.74
N GLN A 178 25.48 -25.71 6.10
CA GLN A 178 26.93 -25.47 6.18
C GLN A 178 27.24 -24.00 5.91
N ALA A 179 26.87 -23.53 4.73
CA ALA A 179 27.13 -22.17 4.30
C ALA A 179 26.78 -21.15 5.38
N ILE A 180 25.63 -21.34 6.02
CA ILE A 180 25.17 -20.42 7.06
C ILE A 180 26.24 -20.21 8.11
N VAL A 181 26.71 -21.31 8.71
CA VAL A 181 27.71 -21.23 9.76
C VAL A 181 28.88 -20.42 9.25
N GLN A 182 29.34 -20.76 8.05
CA GLN A 182 30.50 -20.12 7.43
C GLN A 182 30.33 -18.61 7.24
N ASN A 183 29.12 -18.17 6.90
CA ASN A 183 28.89 -16.75 6.62
C ASN A 183 28.00 -16.06 7.64
N ALA A 184 27.77 -16.74 8.77
CA ALA A 184 27.02 -16.21 9.90
C ALA A 184 27.26 -14.73 10.20
N PRO A 185 28.52 -14.31 10.35
CA PRO A 185 28.85 -12.93 10.73
C PRO A 185 28.11 -11.85 9.95
N LEU A 186 27.88 -12.10 8.67
CA LEU A 186 27.34 -11.10 7.76
C LEU A 186 26.07 -10.45 8.28
N LEU A 187 25.47 -11.07 9.29
CA LEU A 187 24.19 -10.65 9.86
C LEU A 187 24.19 -9.28 10.50
N ALA A 188 25.31 -8.95 11.17
CA ALA A 188 25.44 -7.70 11.90
C ALA A 188 25.36 -6.49 10.99
N HIS A 189 25.22 -6.73 9.69
CA HIS A 189 25.05 -5.66 8.71
C HIS A 189 23.57 -5.32 8.46
N ILE A 190 22.67 -6.25 8.75
CA ILE A 190 21.25 -6.05 8.49
C ILE A 190 20.59 -5.28 9.61
N SER A 191 19.71 -4.35 9.25
CA SER A 191 18.98 -3.55 10.23
C SER A 191 18.20 -4.40 11.23
N VAL A 192 18.30 -4.03 12.51
CA VAL A 192 17.61 -4.72 13.60
C VAL A 192 16.16 -4.99 13.25
N GLU A 193 15.49 -3.94 12.80
CA GLU A 193 14.09 -4.02 12.35
C GLU A 193 13.85 -5.31 11.61
N ARG A 194 14.53 -5.48 10.47
CA ARG A 194 14.35 -6.65 9.62
C ARG A 194 14.68 -7.96 10.34
N THR A 196 13.97 -8.36 13.68
CA THR A 196 12.84 -8.55 14.59
C THR A 196 11.75 -9.37 13.93
N GLU A 198 11.69 -11.34 11.42
CA GLU A 198 12.05 -12.74 11.23
C GLU A 198 11.94 -13.53 12.51
N GLU A 200 10.31 -12.83 15.04
CA GLU A 200 8.87 -12.81 15.33
C GLU A 200 8.10 -13.98 14.72
N LYS A 201 8.27 -14.23 13.42
CA LYS A 201 7.65 -15.38 12.76
C LYS A 201 8.19 -16.73 13.24
N LEU A 202 9.51 -16.83 13.37
CA LEU A 202 10.17 -18.03 13.91
C LEU A 202 9.59 -18.45 15.25
N LEU A 203 9.19 -17.49 16.08
CA LEU A 203 8.55 -17.78 17.35
C LEU A 203 7.08 -18.33 17.32
N GLY A 204 6.31 -18.02 16.28
CA GLY A 204 4.97 -18.60 16.14
C GLY A 204 4.97 -19.91 15.33
N GLY A 205 6.15 -20.32 14.94
CA GLY A 205 6.26 -21.53 14.17
C GLY A 205 5.75 -22.70 14.95
N PRO A 206 5.00 -23.56 14.30
CA PRO A 206 4.60 -24.82 14.92
C PRO A 206 5.82 -25.72 15.03
N PHE A 207 6.98 -25.25 14.56
CA PHE A 207 8.24 -26.01 14.68
C PHE A 207 9.32 -25.24 15.43
N ALA A 208 8.94 -24.12 16.01
CA ALA A 208 9.86 -23.23 16.73
C ALA A 208 10.68 -24.04 17.68
N ALA A 209 9.98 -25.02 18.24
CA ALA A 209 10.51 -26.03 19.11
C ALA A 209 11.85 -26.62 18.61
N ARG A 210 12.13 -26.51 17.33
CA ARG A 210 13.42 -26.97 16.81
C ARG A 210 14.09 -25.87 15.96
N ALA A 211 13.46 -24.71 15.93
CA ALA A 211 14.02 -23.67 15.11
C ALA A 211 15.07 -23.01 15.94
N LEU A 212 14.72 -22.69 17.18
CA LEU A 212 15.62 -21.99 18.07
C LEU A 212 16.93 -22.73 18.24
N PRO A 213 16.91 -24.00 18.63
CA PRO A 213 18.14 -24.80 18.66
C PRO A 213 19.01 -24.55 17.44
N LEU A 214 18.56 -24.98 16.27
CA LEU A 214 19.22 -24.69 15.00
C LEU A 214 19.86 -23.30 14.97
N LEU A 215 19.08 -22.27 15.29
CA LEU A 215 19.58 -20.90 15.38
C LEU A 215 20.97 -20.83 16.04
N ALA A 216 21.24 -21.77 16.96
CA ALA A 216 22.51 -21.86 17.68
C ALA A 216 23.50 -22.80 16.99
N GLU A 217 23.05 -24.00 16.61
CA GLU A 217 23.87 -24.97 15.87
C GLU A 217 24.43 -24.36 14.59
N THR A 218 23.78 -23.32 14.08
CA THR A 218 24.35 -22.49 13.03
C THR A 218 25.01 -21.29 13.70
N GLY A 219 25.98 -20.69 13.02
CA GLY A 219 26.62 -19.48 13.51
C GLY A 219 25.62 -18.42 13.97
N LEU A 220 24.44 -18.37 13.33
CA LEU A 220 23.45 -17.29 13.47
C LEU A 220 23.23 -16.70 14.87
N ASN A 221 23.34 -17.56 15.88
CA ASN A 221 23.36 -17.08 17.25
C ASN A 221 24.57 -16.20 17.49
N ALA A 222 24.41 -15.16 18.30
CA ALA A 222 25.51 -14.25 18.68
C ALA A 222 25.70 -13.13 17.68
N TYR A 223 24.75 -12.99 16.76
CA TYR A 223 24.68 -11.82 15.90
C TYR A 223 23.31 -11.18 16.02
N LEU A 224 22.42 -11.88 16.73
CA LEU A 224 21.08 -11.38 17.03
C LEU A 224 21.04 -10.78 18.43
N PRO A 225 20.36 -9.66 18.57
CA PRO A 225 20.27 -8.91 19.82
C PRO A 225 20.10 -9.78 21.08
N GLY A 226 20.98 -9.57 22.06
CA GLY A 226 20.92 -10.24 23.36
C GLY A 226 21.20 -11.73 23.35
N LEU A 227 21.32 -12.30 22.16
CA LEU A 227 21.55 -13.73 22.01
C LEU A 227 23.03 -14.03 21.93
N ALA A 228 23.82 -13.37 22.77
CA ALA A 228 25.24 -13.60 22.79
C ALA A 228 25.54 -14.83 23.65
N GLY A 229 26.17 -15.85 23.06
CA GLY A 229 26.68 -17.00 23.79
C GLY A 229 25.69 -17.79 24.65
N LYS A 230 24.40 -17.54 24.46
CA LYS A 230 23.33 -18.25 25.16
C LYS A 230 23.13 -19.65 24.56
N GLU A 231 24.01 -20.05 23.64
CA GLU A 231 23.99 -21.35 22.98
C GLU A 231 23.24 -22.42 23.77
N LYS A 232 23.76 -22.75 24.95
CA LYS A 232 23.15 -23.71 25.87
C LYS A 232 21.64 -23.48 25.97
N GLN A 233 21.27 -22.29 26.45
CA GLN A 233 19.88 -21.90 26.73
C GLN A 233 18.92 -22.20 25.58
N LEU A 234 19.32 -21.80 24.36
CA LEU A 234 18.51 -22.04 23.16
C LEU A 234 18.20 -23.50 22.93
N ARG A 235 19.22 -24.35 22.99
CA ARG A 235 19.06 -25.78 22.71
C ARG A 235 18.07 -26.36 23.71
N LEU A 236 18.22 -25.96 24.96
CA LEU A 236 17.35 -26.44 26.01
C LEU A 236 15.93 -26.04 25.69
N ALA A 237 15.79 -24.91 24.99
CA ALA A 237 14.48 -24.32 24.70
C ALA A 237 13.58 -25.31 24.02
N ALA A 238 14.16 -26.24 23.30
CA ALA A 238 13.36 -27.26 22.68
C ALA A 238 12.13 -27.68 23.52
N ALA A 239 12.31 -27.95 24.81
CA ALA A 239 11.27 -28.56 25.62
C ALA A 239 9.98 -27.75 25.75
N TYR A 240 10.12 -26.43 25.64
CA TYR A 240 9.05 -25.46 25.85
C TYR A 240 7.88 -25.61 24.88
N ARG A 241 6.67 -25.55 25.41
CA ARG A 241 5.50 -25.87 24.60
C ARG A 241 5.07 -24.69 23.68
N TRP A 242 6.06 -24.10 22.98
CA TRP A 242 5.90 -22.85 22.21
C TRP A 242 4.55 -22.68 21.56
N PRO A 243 4.27 -23.44 20.51
CA PRO A 243 2.94 -23.46 19.93
C PRO A 243 1.72 -23.05 20.80
N TRP A 244 1.59 -23.29 22.12
CA TRP A 244 0.37 -22.71 22.75
C TRP A 244 0.44 -21.21 23.04
N LEU A 245 1.61 -20.63 22.87
CA LEU A 245 1.68 -19.21 22.99
C LEU A 245 0.77 -18.63 21.93
N ALA A 246 -0.21 -17.87 22.41
CA ALA A 246 -1.28 -17.22 21.61
C ALA A 246 -0.84 -15.92 20.90
N ALA A 247 -0.23 -15.06 21.74
CA ALA A 247 0.14 -13.71 21.36
C ALA A 247 1.63 -13.30 21.53
N ARG A 248 2.01 -12.25 20.82
CA ARG A 248 3.35 -11.66 20.75
C ARG A 248 4.04 -11.54 22.10
N GLU A 249 3.46 -10.75 23.02
CA GLU A 249 4.00 -10.64 24.39
C GLU A 249 4.40 -11.99 24.97
N GLU A 250 3.40 -12.89 25.07
CA GLU A 250 3.57 -14.25 25.59
C GLU A 250 4.73 -14.98 24.96
N ARG A 251 4.87 -14.83 23.64
CA ARG A 251 6.03 -15.32 22.93
C ARG A 251 7.35 -14.76 23.52
N TRP A 252 7.57 -13.45 23.36
CA TRP A 252 8.80 -12.86 23.86
C TRP A 252 9.04 -13.22 25.33
N ALA A 253 8.01 -13.06 26.16
CA ALA A 253 7.99 -13.50 27.54
C ALA A 253 8.79 -14.79 27.71
N LEU A 254 8.26 -15.85 27.12
CA LEU A 254 8.92 -17.15 27.16
C LEU A 254 10.34 -17.16 26.59
N LEU A 255 10.59 -16.39 25.53
CA LEU A 255 11.94 -16.27 24.96
C LEU A 255 12.91 -15.87 26.00
N CYS A 256 12.50 -14.95 26.86
CA CYS A 256 13.34 -14.56 27.94
C CYS A 256 13.50 -15.74 28.91
N HIS A 257 12.41 -16.08 29.58
CA HIS A 257 12.40 -17.08 30.64
C HIS A 257 13.18 -18.33 30.28
N ALA A 258 13.39 -18.57 29.00
CA ALA A 258 14.15 -19.73 28.58
C ALA A 258 15.58 -19.37 28.28
N LEU A 259 15.86 -18.08 28.22
CA LEU A 259 17.25 -17.66 28.11
C LEU A 259 17.77 -17.20 29.47
N GLY A 260 16.99 -17.54 30.52
CA GLY A 260 17.21 -17.10 31.87
C GLY A 260 17.52 -15.62 31.95
N VAL A 261 16.77 -14.78 31.21
CA VAL A 261 17.05 -13.35 31.15
C VAL A 261 16.66 -12.66 32.44
N GLN A 262 17.41 -11.61 32.77
CA GLN A 262 17.28 -10.92 34.03
C GLN A 262 16.28 -9.77 33.88
N GLU A 263 16.79 -8.62 33.44
CA GLU A 263 15.98 -7.44 33.25
C GLU A 263 15.39 -7.48 31.86
N SER A 264 14.06 -7.66 31.79
CA SER A 264 13.35 -7.76 30.52
C SER A 264 13.55 -6.55 29.63
N ARG A 265 13.38 -5.36 30.22
CA ARG A 265 13.37 -4.07 29.54
C ARG A 265 14.52 -3.81 28.54
N PRO A 266 15.77 -3.87 28.97
CA PRO A 266 16.89 -3.62 28.06
C PRO A 266 16.83 -4.57 26.90
N PHE A 267 16.86 -5.87 27.19
CA PHE A 267 16.85 -6.92 26.17
C PHE A 267 15.82 -6.64 25.09
N LEU A 268 14.53 -6.83 25.41
CA LEU A 268 13.47 -6.70 24.41
C LEU A 268 13.54 -5.42 23.59
N ARG A 269 14.10 -4.37 24.18
CA ARG A 269 14.22 -3.09 23.49
C ARG A 269 15.26 -3.15 22.38
N ALA A 270 16.37 -3.83 22.65
CA ALA A 270 17.40 -4.07 21.63
C ALA A 270 16.77 -4.59 20.34
N TRP A 271 15.73 -5.42 20.46
CA TRP A 271 15.00 -5.94 19.33
C TRP A 271 14.04 -4.91 18.74
N LYS A 272 14.16 -3.65 19.16
CA LYS A 272 13.31 -2.55 18.68
C LYS A 272 11.81 -2.90 18.52
N LEU A 273 11.30 -3.69 19.47
CA LEU A 273 9.88 -3.98 19.59
C LEU A 273 9.16 -2.73 20.08
N PRO A 274 7.94 -2.49 19.63
CA PRO A 274 7.17 -1.33 20.09
C PRO A 274 6.95 -1.38 21.59
N ASN A 275 6.95 -0.23 22.24
CA ASN A 275 6.91 -0.19 23.70
C ASN A 275 5.87 -1.09 24.30
N LYS A 276 4.61 -0.87 23.95
CA LYS A 276 3.50 -1.61 24.54
C LYS A 276 3.82 -3.06 24.80
N VAL A 277 4.41 -3.73 23.80
CA VAL A 277 4.87 -5.10 23.86
C VAL A 277 5.94 -5.29 24.95
N VAL A 278 6.98 -4.49 24.88
CA VAL A 278 8.11 -4.60 25.78
C VAL A 278 7.68 -4.42 27.22
N ASP A 279 6.65 -3.60 27.40
CA ASP A 279 6.01 -3.40 28.70
C ASP A 279 5.18 -4.60 29.12
N GLU A 280 4.23 -5.00 28.29
CA GLU A 280 3.40 -6.19 28.58
C GLU A 280 4.16 -7.48 28.61
N ALA A 281 5.33 -7.48 27.97
CA ALA A 281 6.21 -8.60 28.06
C ALA A 281 6.71 -8.73 29.50
N GLY A 282 7.43 -7.72 29.95
CA GLY A 282 7.87 -7.67 31.34
C GLY A 282 6.73 -7.92 32.34
N ALA A 283 5.60 -7.27 32.09
CA ALA A 283 4.42 -7.40 32.92
C ALA A 283 4.26 -8.87 33.39
N ILE A 284 4.28 -9.78 32.41
CA ILE A 284 4.00 -11.20 32.63
C ILE A 284 5.19 -11.81 33.28
N LEU A 285 6.31 -11.70 32.59
CA LEU A 285 7.56 -12.13 33.14
C LEU A 285 7.60 -11.84 34.64
N THR A 286 7.26 -10.59 35.01
CA THR A 286 7.19 -10.16 36.42
C THR A 286 6.17 -10.93 37.24
N ALA A 287 4.89 -10.71 36.96
CA ALA A 287 3.82 -11.49 37.56
C ALA A 287 4.15 -12.98 37.64
N LEU A 288 4.88 -13.49 36.66
CA LEU A 288 5.29 -14.88 36.65
C LEU A 288 6.26 -15.16 37.77
N ALA A 289 7.26 -14.31 37.92
CA ALA A 289 8.22 -14.47 39.01
C ALA A 289 7.59 -14.30 40.40
N ASP A 290 6.61 -13.40 40.49
CA ASP A 290 5.96 -13.08 41.76
C ASP A 290 4.97 -14.18 42.18
N ILE A 291 4.21 -14.74 41.25
CA ILE A 291 3.38 -15.88 41.64
C ILE A 291 3.95 -17.14 41.02
N PRO A 292 4.49 -18.03 41.84
CA PRO A 292 5.11 -19.26 41.34
C PRO A 292 4.15 -20.39 41.12
N ARG A 293 2.93 -20.30 41.64
CA ARG A 293 1.97 -21.37 41.51
C ARG A 293 0.58 -20.82 41.23
N PRO A 294 -0.11 -21.41 40.26
CA PRO A 294 -1.46 -21.00 39.86
C PRO A 294 -2.54 -20.97 40.95
N GLU A 295 -2.31 -21.68 42.06
CA GLU A 295 -3.32 -21.68 43.09
C GLU A 295 -3.28 -20.32 43.76
N ALA A 296 -2.08 -19.73 43.80
CA ALA A 296 -1.74 -18.59 44.68
C ALA A 296 -2.15 -17.18 44.20
N TRP A 297 -2.80 -17.08 43.04
CA TRP A 297 -3.30 -15.80 42.55
C TRP A 297 -4.22 -15.16 43.57
N THR A 298 -4.00 -13.90 43.89
CA THR A 298 -4.74 -13.25 44.96
C THR A 298 -5.61 -12.22 44.44
N ASN A 299 -6.84 -12.17 44.92
CA ASN A 299 -7.77 -11.16 44.47
C ASN A 299 -7.04 -9.88 44.13
N GLU A 300 -6.09 -9.49 44.99
CA GLU A 300 -5.25 -8.32 44.73
C GLU A 300 -4.54 -8.52 43.37
N GLN A 301 -3.59 -9.46 43.30
CA GLN A 301 -2.69 -9.57 42.16
C GLN A 301 -3.45 -9.66 40.84
N LEU A 302 -4.47 -10.52 40.83
CA LEU A 302 -5.40 -10.64 39.73
C LEU A 302 -6.00 -9.29 39.38
N PHE A 303 -6.56 -8.59 40.36
CA PHE A 303 -7.13 -7.27 40.14
C PHE A 303 -6.08 -6.39 39.51
N SER A 304 -4.87 -6.48 40.01
CA SER A 304 -3.79 -5.65 39.54
C SER A 304 -3.53 -5.99 38.13
N ALA A 305 -3.36 -7.26 37.84
CA ALA A 305 -2.89 -7.63 36.52
C ALA A 305 -3.95 -7.61 35.44
N GLY A 306 -5.21 -7.61 35.82
CA GLY A 306 -6.29 -7.60 34.85
C GLY A 306 -6.43 -8.81 33.91
N LEU A 307 -7.57 -9.49 34.05
CA LEU A 307 -7.81 -10.79 33.44
C LEU A 307 -6.90 -11.19 32.30
N GLU A 308 -6.89 -10.39 31.24
CA GLU A 308 -6.12 -10.73 30.05
C GLU A 308 -4.73 -11.23 30.42
N ARG A 309 -4.00 -10.36 31.11
CA ARG A 309 -2.63 -10.66 31.50
C ARG A 309 -2.56 -11.88 32.35
N ALA A 310 -3.40 -11.89 33.38
CA ALA A 310 -3.46 -13.03 34.28
C ALA A 310 -3.43 -14.34 33.47
N LEU A 311 -4.34 -14.51 32.50
CA LEU A 311 -4.35 -15.72 31.69
C LEU A 311 -3.07 -15.92 30.93
N SER A 312 -2.66 -14.89 30.20
CA SER A 312 -1.40 -14.90 29.46
C SER A 312 -0.23 -15.41 30.31
N VAL A 313 -0.18 -15.03 31.59
CA VAL A 313 0.79 -15.59 32.52
C VAL A 313 0.69 -17.12 32.53
N GLU A 314 -0.48 -17.64 32.92
CA GLU A 314 -0.68 -19.07 33.11
C GLU A 314 -0.33 -19.84 31.87
N THR A 315 -0.56 -19.24 30.73
CA THR A 315 -0.21 -19.85 29.46
C THR A 315 1.26 -19.84 29.27
N VAL A 316 1.91 -18.70 29.43
CA VAL A 316 3.36 -18.69 29.39
C VAL A 316 3.80 -19.85 30.27
N ARG A 317 3.14 -19.95 31.42
CA ARG A 317 3.56 -20.92 32.42
C ARG A 317 3.42 -22.33 31.90
N ALA A 318 2.31 -22.55 31.21
CA ALA A 318 2.03 -23.85 30.63
C ALA A 318 3.11 -24.12 29.61
N ALA A 319 3.38 -23.15 28.77
CA ALA A 319 4.37 -23.30 27.73
C ALA A 319 5.66 -23.80 28.26
N PHE A 320 5.89 -23.64 29.56
CA PHE A 320 7.10 -24.10 30.22
C PHE A 320 6.90 -25.40 31.02
N THR A 321 5.93 -25.40 31.94
CA THR A 321 5.70 -26.57 32.81
C THR A 321 5.42 -27.85 32.01
N GLY A 322 4.42 -27.76 31.14
CA GLY A 322 3.94 -28.92 30.41
C GLY A 322 2.46 -29.04 30.69
N ALA A 323 2.05 -28.46 31.81
CA ALA A 323 0.67 -28.48 32.26
C ALA A 323 -0.22 -27.66 31.34
N PRO A 324 -1.41 -28.17 31.04
CA PRO A 324 -2.40 -27.41 30.28
C PRO A 324 -3.17 -26.35 31.12
N PRO A 325 -3.26 -25.14 30.58
CA PRO A 325 -4.00 -24.02 31.15
C PRO A 325 -5.48 -24.23 31.42
N GLY A 326 -6.21 -24.74 30.44
CA GLY A 326 -7.61 -25.08 30.65
C GLY A 326 -8.18 -24.76 32.04
N PRO A 327 -7.92 -25.65 33.01
CA PRO A 327 -8.48 -25.51 34.36
C PRO A 327 -8.21 -24.12 35.04
N TRP A 328 -6.97 -23.68 34.95
CA TRP A 328 -6.59 -22.38 35.46
C TRP A 328 -7.37 -21.32 34.75
N HIS A 329 -7.14 -21.22 33.45
CA HIS A 329 -7.82 -20.21 32.66
C HIS A 329 -9.30 -20.11 33.03
N GLU A 330 -9.93 -21.26 33.28
CA GLU A 330 -11.33 -21.28 33.68
C GLU A 330 -11.51 -20.70 35.07
N LYS A 331 -10.74 -21.22 36.01
CA LYS A 331 -10.77 -20.66 37.34
C LYS A 331 -10.52 -19.12 37.34
N LEU A 332 -9.45 -18.66 36.70
CA LEU A 332 -9.19 -17.22 36.67
C LEU A 332 -10.42 -16.48 36.20
N ARG A 333 -10.95 -16.89 35.06
CA ARG A 333 -12.14 -16.24 34.50
C ARG A 333 -13.31 -16.23 35.48
N ARG A 334 -13.33 -17.17 36.42
CA ARG A 334 -14.43 -17.27 37.39
C ARG A 334 -14.32 -16.22 38.45
N ARG A 335 -13.21 -16.28 39.18
CA ARG A 335 -12.85 -15.28 40.16
C ARG A 335 -13.01 -13.91 39.57
N PHE A 336 -12.42 -13.67 38.41
CA PHE A 336 -12.35 -12.32 37.93
C PHE A 336 -13.72 -11.63 37.96
N ALA A 337 -14.80 -12.40 37.74
CA ALA A 337 -16.17 -11.86 37.83
C ALA A 337 -16.74 -11.81 39.25
N SER A 338 -15.98 -12.31 40.22
CA SER A 338 -16.36 -12.30 41.62
C SER A 338 -15.68 -11.15 42.35
N LEU A 339 -14.61 -10.64 41.76
CA LEU A 339 -13.98 -9.42 42.28
C LEU A 339 -15.07 -8.37 42.27
N PRO A 340 -15.39 -7.87 43.45
CA PRO A 340 -16.45 -6.87 43.61
C PRO A 340 -16.13 -5.53 42.97
N ILE A 341 -14.93 -5.43 42.39
CA ILE A 341 -14.58 -4.35 41.47
C ILE A 341 -13.58 -4.92 40.46
N LYS A 342 -13.62 -4.46 39.20
CA LYS A 342 -12.65 -4.93 38.20
C LYS A 342 -11.63 -3.91 37.68
N THR A 343 -11.90 -2.61 37.85
CA THR A 343 -10.90 -1.54 37.64
C THR A 343 -11.05 -0.59 38.75
N LYS A 344 -10.08 0.30 38.90
CA LYS A 344 -10.15 1.29 39.98
C LYS A 344 -11.33 2.26 39.80
N GLY A 345 -11.64 2.55 38.54
CA GLY A 345 -12.71 3.49 38.19
C GLY A 345 -14.06 3.14 38.82
N GLU A 346 -14.22 1.87 39.19
CA GLU A 346 -15.47 1.36 39.76
C GLU A 346 -15.60 1.68 41.23
N LEU A 347 -14.49 2.07 41.86
CA LEU A 347 -14.49 2.41 43.29
C LEU A 347 -15.59 3.39 43.67
N ALA A 348 -16.39 3.02 44.66
CA ALA A 348 -17.54 3.83 45.07
C ALA A 348 -17.21 5.27 45.47
N VAL A 349 -15.91 5.53 45.66
CA VAL A 349 -15.42 6.61 46.49
C VAL A 349 -14.15 7.21 45.92
N ASN A 350 -14.18 8.50 45.62
CA ASN A 350 -13.11 9.12 44.87
C ASN A 350 -12.18 9.88 45.79
N GLY A 351 -11.00 10.23 45.29
CA GLY A 351 -10.01 10.97 46.07
C GLY A 351 -10.47 12.23 46.82
N LYS A 352 -11.35 13.01 46.21
CA LYS A 352 -11.88 14.22 46.86
C LYS A 352 -12.86 13.87 47.98
N ASP A 353 -13.25 12.60 48.03
CA ASP A 353 -14.14 12.12 49.05
C ASP A 353 -13.32 11.86 50.27
N VAL A 354 -12.07 11.45 50.06
CA VAL A 354 -11.17 11.08 51.16
C VAL A 354 -10.61 12.35 51.79
N ILE A 355 -10.61 13.42 51.03
CA ILE A 355 -10.09 14.66 51.56
C ILE A 355 -11.10 15.34 52.48
N GLU A 356 -12.26 15.69 51.93
CA GLU A 356 -13.34 16.30 52.67
C GLU A 356 -13.71 15.44 53.89
N TRP A 357 -13.03 14.32 54.03
CA TRP A 357 -13.42 13.34 55.00
C TRP A 357 -12.47 13.26 56.18
N VAL A 358 -11.19 13.40 55.87
CA VAL A 358 -10.13 13.29 56.85
C VAL A 358 -9.51 14.67 57.09
N GLY A 359 -10.31 15.72 56.99
CA GLY A 359 -9.81 17.08 57.03
C GLY A 359 -8.31 17.25 56.90
N LYS A 360 -7.78 16.97 55.72
CA LYS A 360 -6.37 17.12 55.44
C LYS A 360 -6.22 17.71 54.03
N PRO A 361 -5.19 18.54 53.79
CA PRO A 361 -5.00 19.18 52.49
C PRO A 361 -4.59 18.16 51.46
N ALA A 362 -4.96 18.39 50.21
CA ALA A 362 -4.64 17.48 49.12
C ALA A 362 -3.13 17.17 49.03
N GLY A 363 -2.80 15.87 48.98
CA GLY A 363 -1.41 15.45 48.99
C GLY A 363 -1.06 14.10 48.38
N PRO A 364 0.16 13.62 48.67
CA PRO A 364 0.55 12.24 48.44
C PRO A 364 -0.10 11.19 49.37
N TRP A 365 -0.33 11.48 50.66
CA TRP A 365 -1.08 10.59 51.56
C TRP A 365 -2.43 10.10 50.99
N VAL A 366 -3.00 10.86 50.06
CA VAL A 366 -4.27 10.51 49.42
C VAL A 366 -4.13 9.22 48.62
N LYS A 367 -3.15 9.15 47.71
CA LYS A 367 -2.88 7.91 46.98
C LYS A 367 -2.98 6.71 47.94
N GLU A 368 -2.00 6.62 48.84
CA GLU A 368 -1.92 5.56 49.86
C GLU A 368 -3.27 5.18 50.44
N ALA A 369 -4.15 6.17 50.59
CA ALA A 369 -5.47 5.98 51.18
C ALA A 369 -6.33 5.10 50.26
N LEU A 370 -6.66 5.64 49.09
CA LEU A 370 -7.48 4.96 48.12
C LEU A 370 -6.84 3.60 47.76
N ASP A 371 -5.53 3.64 47.58
CA ASP A 371 -4.73 2.46 47.38
C ASP A 371 -4.96 1.38 48.45
N ALA A 372 -5.60 1.73 49.56
CA ALA A 372 -5.87 0.73 50.59
C ALA A 372 -7.37 0.49 50.76
N ILE A 373 -8.14 1.36 50.16
CA ILE A 373 -9.57 1.22 50.14
C ILE A 373 -9.97 0.21 49.08
N TRP A 374 -9.30 0.22 47.93
CA TRP A 374 -9.67 -0.79 46.92
C TRP A 374 -9.18 -2.11 47.38
N ARG A 375 -7.94 -2.16 47.87
CA ARG A 375 -7.31 -3.41 48.31
C ARG A 375 -8.13 -4.06 49.40
N ALA A 376 -9.09 -3.29 49.91
CA ALA A 376 -9.96 -3.68 51.00
C ALA A 376 -11.34 -3.99 50.47
N VAL A 377 -11.71 -3.36 49.38
CA VAL A 377 -12.96 -3.68 48.71
C VAL A 377 -12.78 -4.99 48.01
N VAL A 378 -11.72 -5.07 47.19
CA VAL A 378 -11.36 -6.27 46.41
C VAL A 378 -11.24 -7.47 47.32
N ASN A 379 -10.63 -7.31 48.49
CA ASN A 379 -10.43 -8.45 49.36
C ASN A 379 -11.65 -8.77 50.20
N GLY A 380 -12.74 -8.07 49.92
CA GLY A 380 -14.04 -8.32 50.56
C GLY A 380 -14.15 -7.97 52.04
N GLU A 381 -13.28 -7.08 52.51
CA GLU A 381 -13.25 -6.63 53.89
C GLU A 381 -14.39 -5.63 54.16
N VAL A 382 -14.57 -4.69 53.25
CA VAL A 382 -15.63 -3.68 53.29
C VAL A 382 -16.34 -3.62 51.95
N GLU A 383 -17.64 -3.36 51.96
CA GLU A 383 -18.41 -3.21 50.72
C GLU A 383 -17.87 -2.12 49.79
N ASN A 384 -18.38 -2.05 48.57
CA ASN A 384 -18.00 -0.93 47.74
C ASN A 384 -19.13 0.04 47.67
N GLU A 385 -19.53 0.54 48.83
CA GLU A 385 -20.56 1.57 48.92
C GLU A 385 -20.01 2.73 49.74
N LYS A 386 -20.33 3.95 49.32
CA LYS A 386 -19.80 5.18 49.95
C LYS A 386 -19.81 5.19 51.47
N GLU A 387 -21.01 5.27 52.04
CA GLU A 387 -21.25 5.16 53.49
C GLU A 387 -20.31 4.17 54.18
N ARG A 388 -20.33 2.90 53.77
CA ARG A 388 -19.55 1.86 54.46
C ARG A 388 -18.04 2.07 54.37
N ILE A 389 -17.54 2.55 53.24
CA ILE A 389 -16.12 2.83 53.10
C ILE A 389 -15.72 3.94 54.00
N TYR A 390 -16.66 4.85 54.26
CA TYR A 390 -16.41 5.95 55.18
C TYR A 390 -16.08 5.47 56.59
N ALA A 391 -17.05 4.86 57.26
CA ALA A 391 -16.83 4.26 58.55
C ALA A 391 -15.53 3.51 58.52
N TRP A 392 -15.39 2.61 57.54
CA TRP A 392 -14.18 1.80 57.40
C TRP A 392 -12.93 2.64 57.46
N LEU A 393 -12.85 3.70 56.67
CA LEU A 393 -11.68 4.57 56.74
C LEU A 393 -11.57 5.26 58.05
N GLU A 395 -12.84 4.47 61.11
CA GLU A 395 -12.50 3.62 62.25
C GLU A 395 -11.13 3.00 62.09
N ARG A 396 -10.52 3.15 60.92
CA ARG A 396 -9.18 2.61 60.72
C ARG A 396 -8.15 3.65 61.04
N ASN A 397 -8.51 4.93 60.92
CA ASN A 397 -7.55 6.00 61.20
C ASN A 397 -7.24 6.30 62.68
N ARG A 398 -8.20 6.04 63.57
CA ARG A 398 -7.96 6.08 65.01
C ARG A 398 -7.25 4.81 65.51
N THR A 399 -7.21 3.77 64.67
CA THR A 399 -6.47 2.53 64.93
C THR A 399 -4.97 2.78 64.73
N ARG A 400 -4.64 3.68 63.80
CA ARG A 400 -3.24 4.11 63.55
C ARG A 400 -2.77 5.13 64.57
N GLU A 401 -3.58 5.32 65.62
CA GLU A 401 -3.24 6.17 66.77
C GLU A 401 -3.08 5.31 68.00
N LYS A 402 -3.67 4.12 67.96
CA LYS A 402 -3.54 3.12 69.01
C LYS A 402 -2.32 2.22 68.73
N ASN A 403 -1.90 2.18 67.45
CA ASN A 403 -0.73 1.40 67.03
C ASN A 403 0.64 2.05 67.26
N CYS A 404 0.69 3.38 67.22
CA CYS A 404 1.91 4.14 67.58
C CYS A 404 1.70 5.24 68.67
N LYS B 2 -24.76 8.79 4.80
CA LYS B 2 -24.67 8.32 3.42
C LYS B 2 -23.81 7.06 3.27
N PRO B 3 -24.26 6.12 2.44
CA PRO B 3 -23.61 4.80 2.28
C PRO B 3 -22.09 4.77 2.21
N PRO B 4 -21.42 5.65 1.45
CA PRO B 4 -19.96 5.66 1.43
C PRO B 4 -19.36 5.60 2.83
N PHE B 5 -19.88 6.41 3.78
CA PHE B 5 -19.39 6.40 5.15
C PHE B 5 -19.99 5.29 5.96
N GLN B 6 -21.25 4.96 5.66
CA GLN B 6 -21.98 3.94 6.42
C GLN B 6 -21.14 2.70 6.54
N GLU B 7 -20.61 2.25 5.43
CA GLU B 7 -19.78 1.06 5.43
C GLU B 7 -18.50 1.19 6.25
N ALA B 8 -17.84 2.34 6.09
CA ALA B 8 -16.55 2.59 6.72
C ALA B 8 -16.69 2.89 8.20
N LEU B 9 -17.92 3.20 8.63
CA LEU B 9 -18.27 3.36 10.04
C LEU B 9 -17.63 2.27 10.92
N GLY B 10 -17.76 1.00 10.49
CA GLY B 10 -17.14 -0.13 11.16
C GLY B 10 -15.75 0.20 11.71
N ILE B 11 -14.86 0.67 10.83
CA ILE B 11 -13.49 1.04 11.20
C ILE B 11 -13.42 1.99 12.40
N ILE B 12 -14.09 3.14 12.32
CA ILE B 12 -14.18 4.07 13.44
C ILE B 12 -14.66 3.28 14.63
N GLN B 13 -15.82 2.63 14.46
CA GLN B 13 -16.53 1.95 15.54
C GLN B 13 -15.57 1.07 16.28
N GLN B 14 -14.88 0.19 15.56
CA GLN B 14 -13.90 -0.70 16.16
C GLN B 14 -12.74 0.01 16.86
N LEU B 15 -12.14 1.01 16.21
CA LEU B 15 -11.06 1.80 16.81
C LEU B 15 -11.49 2.49 18.10
N LYS B 16 -12.75 2.94 18.16
CA LYS B 16 -13.29 3.56 19.38
C LYS B 16 -13.44 2.54 20.52
N GLN B 17 -13.92 1.34 20.20
CA GLN B 17 -14.15 0.24 21.17
C GLN B 17 -12.87 -0.17 21.89
N HIS B 18 -11.74 0.01 21.22
CA HIS B 18 -10.43 -0.22 21.79
C HIS B 18 -9.86 1.08 22.37
N GLY B 19 -10.74 2.06 22.62
CA GLY B 19 -10.38 3.29 23.29
C GLY B 19 -9.41 4.18 22.54
N TYR B 20 -9.72 4.48 21.28
CA TYR B 20 -8.82 5.29 20.47
C TYR B 20 -9.37 6.63 19.96
N ASP B 21 -10.56 6.63 19.36
CA ASP B 21 -11.20 7.89 18.90
C ASP B 21 -10.66 8.27 17.52
N ALA B 22 -11.53 8.14 16.53
CA ALA B 22 -11.19 8.35 15.12
C ALA B 22 -12.33 9.07 14.39
N TYR B 23 -11.99 9.61 13.21
CA TYR B 23 -12.89 10.47 12.45
C TYR B 23 -12.70 10.30 10.94
N PHE B 24 -13.81 10.46 10.23
CA PHE B 24 -13.75 10.71 8.82
C PHE B 24 -13.21 12.10 8.65
N VAL B 25 -12.04 12.20 8.06
CA VAL B 25 -11.51 13.50 7.69
C VAL B 25 -11.43 13.51 6.19
N GLY B 26 -11.07 14.65 5.61
CA GLY B 26 -10.72 14.71 4.20
C GLY B 26 -11.74 15.20 3.18
N GLY B 27 -11.42 14.86 1.92
CA GLY B 27 -12.20 15.23 0.75
C GLY B 27 -13.60 14.69 0.85
N ALA B 28 -13.67 13.40 1.20
CA ALA B 28 -14.93 12.73 1.52
C ALA B 28 -15.88 13.70 2.21
N VAL B 29 -15.38 14.37 3.26
CA VAL B 29 -16.17 15.30 4.01
C VAL B 29 -16.52 16.44 3.11
N ARG B 30 -15.51 17.14 2.60
CA ARG B 30 -15.74 18.24 1.71
C ARG B 30 -16.77 17.86 0.66
N ASP B 31 -16.53 16.74 -0.01
CA ASP B 31 -17.44 16.26 -1.03
C ASP B 31 -18.90 16.08 -0.59
N LEU B 32 -19.11 15.58 0.62
CA LEU B 32 -20.43 15.50 1.20
C LEU B 32 -21.08 16.90 1.35
N LEU B 33 -20.43 17.79 2.11
CA LEU B 33 -20.84 19.18 2.31
C LEU B 33 -21.04 19.95 1.03
N LEU B 34 -20.15 19.71 0.07
CA LEU B 34 -20.25 20.30 -1.26
C LEU B 34 -21.35 19.71 -2.12
N GLY B 35 -21.59 18.41 -1.96
CA GLY B 35 -22.63 17.74 -2.73
C GLY B 35 -22.14 17.06 -4.00
N ARG B 36 -20.84 16.79 -4.05
CA ARG B 36 -20.24 15.92 -5.08
C ARG B 36 -20.40 14.48 -4.68
N PRO B 37 -20.37 13.60 -5.68
CA PRO B 37 -20.27 12.16 -5.43
C PRO B 37 -19.04 11.93 -4.57
N ILE B 38 -19.12 11.00 -3.64
CA ILE B 38 -18.04 10.88 -2.69
C ILE B 38 -17.05 9.83 -3.18
N GLY B 39 -15.79 10.25 -3.27
CA GLY B 39 -14.71 9.40 -3.74
C GLY B 39 -14.15 8.48 -2.68
N ASP B 40 -12.91 8.71 -2.26
CA ASP B 40 -12.34 7.85 -1.23
C ASP B 40 -12.70 8.38 0.11
N VAL B 41 -13.20 7.50 0.99
CA VAL B 41 -13.43 7.93 2.35
C VAL B 41 -12.14 7.72 3.08
N ASP B 42 -11.72 8.75 3.79
CA ASP B 42 -10.48 8.70 4.59
C ASP B 42 -10.70 8.75 6.12
N ILE B 43 -10.01 7.91 6.87
CA ILE B 43 -10.09 7.95 8.33
C ILE B 43 -8.78 8.35 9.00
N ALA B 44 -8.85 9.30 9.92
CA ALA B 44 -7.70 9.58 10.75
C ALA B 44 -8.06 9.27 12.19
N THR B 45 -7.06 8.77 12.93
CA THR B 45 -7.20 8.39 14.33
C THR B 45 -5.97 8.68 15.18
N SER B 46 -6.18 8.62 16.49
CA SER B 46 -5.09 8.70 17.46
C SER B 46 -4.40 7.35 17.66
N ALA B 47 -5.00 6.28 17.15
CA ALA B 47 -4.38 4.97 17.23
C ALA B 47 -3.16 4.96 16.33
N LEU B 48 -2.07 4.44 16.87
CA LEU B 48 -0.81 4.40 16.14
C LEU B 48 -0.79 3.27 15.11
N PRO B 49 -0.07 3.49 14.01
CA PRO B 49 -0.05 2.55 12.90
C PRO B 49 -0.13 1.11 13.36
N GLU B 50 0.69 0.73 14.34
CA GLU B 50 0.77 -0.64 14.84
C GLU B 50 -0.56 -1.09 15.40
N ASP B 51 -1.13 -0.28 16.29
CA ASP B 51 -2.43 -0.54 16.88
C ASP B 51 -3.47 -0.75 15.79
N VAL B 52 -3.34 0.01 14.70
CA VAL B 52 -4.22 -0.15 13.55
C VAL B 52 -4.01 -1.53 12.89
N ALA B 54 -2.90 -4.15 14.27
CA ALA B 54 -3.23 -5.14 15.29
C ALA B 54 -4.72 -5.48 15.26
N ILE B 55 -5.56 -4.46 15.08
CA ILE B 55 -7.01 -4.58 15.24
C ILE B 55 -7.72 -5.12 13.99
N PHE B 56 -7.25 -4.71 12.82
CA PHE B 56 -7.90 -5.15 11.59
C PHE B 56 -7.12 -6.30 11.02
N PRO B 57 -7.84 -7.33 10.60
CA PRO B 57 -7.22 -8.48 9.94
C PRO B 57 -6.37 -8.02 8.76
N LYS B 58 -6.96 -7.77 7.60
CA LYS B 58 -6.17 -7.30 6.47
C LYS B 58 -5.74 -5.84 6.62
N THR B 59 -4.43 -5.68 6.63
CA THR B 59 -3.77 -4.39 6.71
C THR B 59 -2.87 -4.31 5.50
N ILE B 60 -2.45 -3.11 5.15
CA ILE B 60 -1.45 -2.94 4.11
C ILE B 60 -0.61 -1.72 4.46
N ASP B 61 0.50 -1.95 5.14
CA ASP B 61 1.46 -0.88 5.40
C ASP B 61 1.83 -0.18 4.10
N VAL B 62 1.55 1.12 4.01
CA VAL B 62 1.93 1.94 2.85
C VAL B 62 3.11 2.82 3.25
N GLY B 63 2.98 3.41 4.44
CA GLY B 63 3.96 4.33 4.98
C GLY B 63 3.65 4.61 6.44
N SER B 64 3.79 3.57 7.26
CA SER B 64 3.69 3.68 8.71
C SER B 64 4.68 4.68 9.28
N LYS B 65 5.64 5.06 8.44
CA LYS B 65 6.68 6.02 8.79
C LYS B 65 6.10 7.44 8.95
N HIS B 66 5.05 7.76 8.19
CA HIS B 66 4.34 9.04 8.29
C HIS B 66 2.89 8.89 8.74
N GLY B 67 2.57 7.74 9.30
CA GLY B 67 1.31 7.54 9.99
C GLY B 67 0.14 7.12 9.13
N THR B 68 0.42 6.59 7.96
CA THR B 68 -0.63 6.12 7.07
C THR B 68 -0.62 4.59 6.98
N VAL B 69 -1.81 3.99 6.99
CA VAL B 69 -1.96 2.55 6.85
C VAL B 69 -3.23 2.24 6.08
N VAL B 70 -3.14 1.41 5.07
CA VAL B 70 -4.33 1.07 4.34
C VAL B 70 -4.99 -0.15 4.93
N VAL B 71 -6.26 0.00 5.25
CA VAL B 71 -7.05 -1.04 5.88
C VAL B 71 -8.12 -1.53 4.94
N VAL B 72 -8.00 -2.78 4.55
CA VAL B 72 -9.05 -3.38 3.76
C VAL B 72 -10.14 -3.85 4.71
N HIS B 73 -11.25 -3.11 4.68
CA HIS B 73 -12.43 -3.43 5.46
C HIS B 73 -13.56 -3.82 4.51
N LYS B 74 -14.28 -4.90 4.81
CA LYS B 74 -15.43 -5.31 4.02
C LYS B 74 -15.18 -5.16 2.52
N GLY B 75 -13.98 -5.45 2.06
CA GLY B 75 -13.69 -5.46 0.63
C GLY B 75 -13.44 -4.12 -0.05
N LYS B 76 -13.07 -3.10 0.73
CA LYS B 76 -12.68 -1.76 0.21
C LYS B 76 -11.44 -1.22 0.94
N ALA B 77 -10.61 -0.50 0.21
CA ALA B 77 -9.40 0.11 0.79
C ALA B 77 -9.70 1.39 1.59
N TYR B 78 -9.16 1.54 2.77
CA TYR B 78 -9.38 2.80 3.43
C TYR B 78 -8.11 3.34 4.00
N GLU B 79 -7.79 4.58 3.70
CA GLU B 79 -6.55 5.16 4.14
C GLU B 79 -6.63 5.67 5.58
N VAL B 80 -6.21 4.84 6.54
CA VAL B 80 -6.18 5.26 7.95
C VAL B 80 -4.86 5.96 8.33
N THR B 81 -4.96 7.01 9.14
CA THR B 81 -3.82 7.85 9.46
C THR B 81 -3.78 8.30 10.92
N THR B 82 -2.66 8.03 11.57
CA THR B 82 -2.44 8.51 12.91
C THR B 82 -2.22 10.03 12.86
N PHE B 83 -2.95 10.76 13.72
CA PHE B 83 -2.84 12.21 13.78
C PHE B 83 -1.40 12.65 13.76
N LYS B 84 -1.11 13.76 13.10
CA LYS B 84 0.27 14.20 12.97
C LYS B 84 0.42 15.70 12.85
N THR B 85 1.59 16.22 13.24
CA THR B 85 1.98 17.62 13.03
C THR B 85 3.26 17.67 12.17
N ASP B 86 3.13 18.11 10.90
CA ASP B 86 4.26 18.20 9.94
C ASP B 86 5.49 18.94 10.53
N GLY B 87 6.57 18.19 10.75
CA GLY B 87 7.79 18.71 11.36
C GLY B 87 8.39 19.89 10.62
N SER B 97 11.12 14.20 9.75
CA SER B 97 10.35 13.25 10.55
C SER B 97 9.02 13.87 10.97
N VAL B 98 8.10 13.01 11.40
CA VAL B 98 6.74 13.43 11.80
C VAL B 98 6.48 13.17 13.30
N THR B 99 5.64 14.02 13.91
CA THR B 99 5.22 13.88 15.31
C THR B 99 3.76 13.48 15.45
N PHE B 100 3.51 12.35 16.12
CA PHE B 100 2.15 11.86 16.38
C PHE B 100 1.57 12.51 17.64
N VAL B 101 0.30 12.88 17.60
CA VAL B 101 -0.40 13.45 18.75
C VAL B 101 -1.70 12.68 19.08
N ARG B 102 -2.58 13.29 19.88
CA ARG B 102 -3.89 12.74 20.23
C ARG B 102 -5.03 13.74 19.94
N SER B 103 -4.65 14.93 19.46
CA SER B 103 -5.59 16.00 19.16
C SER B 103 -5.95 15.99 17.69
N LEU B 104 -7.22 15.71 17.41
CA LEU B 104 -7.72 15.82 16.06
C LEU B 104 -7.33 17.20 15.57
N GLU B 105 -7.68 18.21 16.36
CA GLU B 105 -7.45 19.59 16.00
C GLU B 105 -6.03 19.83 15.50
N GLU B 106 -5.04 19.23 16.15
CA GLU B 106 -3.66 19.42 15.71
C GLU B 106 -3.40 18.82 14.34
N ASP B 107 -4.14 17.77 13.99
CA ASP B 107 -4.04 17.13 12.67
C ASP B 107 -4.62 18.03 11.58
N LEU B 108 -5.90 18.33 11.67
CA LEU B 108 -6.56 19.21 10.71
C LEU B 108 -5.77 20.50 10.50
N LYS B 109 -5.17 21.01 11.57
CA LYS B 109 -4.39 22.25 11.48
C LYS B 109 -3.21 22.11 10.53
N ARG B 110 -2.85 20.88 10.20
CA ARG B 110 -1.75 20.65 9.25
C ARG B 110 -2.22 20.54 7.78
N ARG B 111 -3.54 20.49 7.54
CA ARG B 111 -4.13 20.27 6.21
C ARG B 111 -3.93 21.46 5.31
N ASP B 112 -4.01 21.24 3.99
CA ASP B 112 -3.65 22.27 3.01
C ASP B 112 -4.59 23.50 2.93
N PHE B 113 -5.88 23.26 2.75
CA PHE B 113 -6.85 24.35 2.60
C PHE B 113 -8.06 24.06 3.47
N THR B 114 -8.75 25.11 3.91
CA THR B 114 -9.90 24.98 4.82
C THR B 114 -10.86 23.87 4.42
N ASN B 116 -10.65 21.41 3.15
CA ASN B 116 -10.13 20.07 3.29
C ASN B 116 -10.08 19.64 4.74
N ALA B 117 -9.94 20.62 5.61
CA ALA B 117 -9.66 20.34 7.01
C ALA B 117 -10.92 20.16 7.86
N ILE B 118 -11.98 19.66 7.23
CA ILE B 118 -13.20 19.33 7.96
C ILE B 118 -13.09 17.88 8.41
N ALA B 119 -13.99 17.49 9.30
CA ALA B 119 -13.98 16.17 9.89
C ALA B 119 -15.38 15.84 10.37
N ASP B 121 -17.74 12.82 12.76
CA ASP B 121 -17.67 11.76 13.77
C ASP B 121 -18.67 10.66 13.50
N GLU B 122 -18.49 9.52 14.16
CA GLU B 122 -19.38 8.36 14.04
C GLU B 122 -20.89 8.68 14.03
N TYR B 123 -21.27 9.78 14.67
CA TYR B 123 -22.67 10.15 14.82
C TYR B 123 -23.12 11.10 13.69
N GLY B 124 -22.17 11.48 12.85
CA GLY B 124 -22.41 12.40 11.73
C GLY B 124 -22.26 13.88 12.06
N THR B 125 -21.53 14.19 13.13
CA THR B 125 -21.42 15.56 13.62
C THR B 125 -20.17 16.26 13.07
N ILE B 126 -20.40 17.19 12.15
CA ILE B 126 -19.35 17.92 11.48
C ILE B 126 -18.50 18.75 12.42
N ILE B 127 -17.19 18.66 12.23
CA ILE B 127 -16.26 19.38 13.05
C ILE B 127 -15.45 20.29 12.18
N ASP B 128 -15.93 21.49 11.99
CA ASP B 128 -15.19 22.50 11.25
C ASP B 128 -14.68 23.56 12.24
N PRO B 129 -13.41 23.45 12.61
CA PRO B 129 -12.80 24.42 13.49
C PRO B 129 -12.02 25.50 12.71
N PHE B 130 -12.08 25.50 11.37
CA PHE B 130 -11.27 26.44 10.56
C PHE B 130 -11.98 27.19 9.46
N GLY B 131 -13.30 27.04 9.38
CA GLY B 131 -14.11 27.79 8.42
C GLY B 131 -14.35 27.09 7.10
N GLY B 132 -13.77 25.91 6.94
CA GLY B 132 -14.02 25.07 5.80
C GLY B 132 -15.48 25.16 5.40
N ARG B 133 -16.38 24.88 6.35
CA ARG B 133 -17.80 24.87 6.04
C ARG B 133 -18.28 26.17 5.34
N GLU B 134 -17.81 27.33 5.81
CA GLU B 134 -18.09 28.62 5.14
C GLU B 134 -17.42 28.68 3.79
N ALA B 135 -16.15 28.25 3.74
CA ALA B 135 -15.39 28.22 2.49
C ALA B 135 -16.15 27.47 1.42
N ILE B 136 -16.83 26.39 1.82
CA ILE B 136 -17.57 25.56 0.87
C ILE B 136 -18.85 26.23 0.40
N ARG B 137 -19.59 26.82 1.34
CA ARG B 137 -20.74 27.64 1.00
C ARG B 137 -20.34 28.72 -0.02
N ARG B 138 -19.28 29.45 0.28
CA ARG B 138 -18.79 30.55 -0.56
C ARG B 138 -18.00 30.04 -1.78
N ARG B 139 -17.69 28.74 -1.80
CA ARG B 139 -16.96 28.15 -2.91
C ARG B 139 -15.60 28.82 -3.11
N ILE B 140 -14.76 28.74 -2.08
CA ILE B 140 -13.47 29.41 -2.10
C ILE B 140 -12.35 28.54 -1.55
N ILE B 141 -11.19 28.67 -2.16
CA ILE B 141 -10.00 27.95 -1.75
C ILE B 141 -9.15 28.82 -0.85
N ARG B 142 -9.18 28.56 0.45
CA ARG B 142 -8.37 29.35 1.37
C ARG B 142 -7.38 28.48 2.14
N THR B 143 -6.18 29.03 2.33
CA THR B 143 -5.11 28.38 3.06
C THR B 143 -5.43 28.29 4.55
N VAL B 144 -5.08 27.15 5.13
CA VAL B 144 -5.18 26.95 6.58
C VAL B 144 -4.03 27.65 7.28
N GLY B 145 -4.28 28.90 7.69
CA GLY B 145 -3.25 29.73 8.28
C GLY B 145 -2.64 30.69 7.27
N GLU B 146 -1.37 31.03 7.49
CA GLU B 146 -0.68 32.02 6.67
C GLU B 146 -0.39 31.47 5.28
N ALA B 147 -1.17 31.95 4.32
CA ALA B 147 -0.99 31.59 2.91
C ALA B 147 0.47 31.54 2.51
N GLU B 148 1.23 32.53 2.98
CA GLU B 148 2.67 32.61 2.75
C GLU B 148 3.41 31.45 3.41
N LYS B 149 3.32 31.37 4.73
CA LYS B 149 4.06 30.35 5.50
C LYS B 149 3.86 28.95 4.93
N ARG B 150 2.60 28.63 4.60
CA ARG B 150 2.26 27.31 4.07
C ARG B 150 3.02 26.99 2.80
N PHE B 151 2.94 27.88 1.83
CA PHE B 151 3.62 27.72 0.54
C PHE B 151 5.15 27.55 0.69
N ARG B 152 5.73 28.14 1.74
CA ARG B 152 7.16 28.00 2.04
C ARG B 152 7.51 26.57 2.44
N GLU B 153 6.68 25.95 3.29
CA GLU B 153 6.85 24.55 3.69
C GLU B 153 6.76 23.60 2.49
N ASP B 154 5.72 23.79 1.66
CA ASP B 154 5.54 23.01 0.44
C ASP B 154 4.97 23.84 -0.70
N ALA B 155 5.82 24.13 -1.68
CA ALA B 155 5.47 24.98 -2.80
C ALA B 155 4.40 24.35 -3.65
N LEU B 156 4.38 23.02 -3.68
CA LEU B 156 3.41 22.28 -4.46
C LEU B 156 1.98 22.66 -4.08
N ARG B 157 1.79 23.11 -2.85
CA ARG B 157 0.48 23.55 -2.36
C ARG B 157 -0.18 24.59 -3.26
N ARG B 160 -1.71 22.61 -6.37
CA ARG B 160 -3.02 22.05 -6.03
C ARG B 160 -4.05 23.13 -6.06
N ALA B 161 -3.73 24.28 -5.45
CA ALA B 161 -4.66 25.40 -5.37
C ALA B 161 -5.33 25.64 -6.74
N VAL B 162 -4.52 25.86 -7.77
CA VAL B 162 -5.00 25.98 -9.15
C VAL B 162 -5.75 24.72 -9.57
N ARG B 163 -5.18 23.56 -9.26
CA ARG B 163 -5.87 22.33 -9.59
C ARG B 163 -7.27 22.40 -9.03
N PHE B 164 -7.41 22.63 -7.73
CA PHE B 164 -8.74 22.58 -7.12
C PHE B 164 -9.73 23.42 -7.88
N VAL B 165 -9.26 24.61 -8.26
CA VAL B 165 -10.01 25.46 -9.15
C VAL B 165 -10.50 24.69 -10.36
N SER B 166 -9.66 23.83 -10.91
CA SER B 166 -10.07 23.01 -12.03
C SER B 166 -11.12 21.97 -11.65
N GLU B 167 -11.01 21.36 -10.49
CA GLU B 167 -11.83 20.20 -10.18
C GLU B 167 -13.09 20.64 -9.55
N LEU B 168 -13.04 21.81 -8.94
CA LEU B 168 -14.15 22.21 -8.12
C LEU B 168 -14.91 23.39 -8.69
N GLY B 169 -14.17 24.34 -9.27
CA GLY B 169 -14.72 25.61 -9.72
C GLY B 169 -14.85 26.58 -8.57
N PHE B 170 -13.97 26.40 -7.59
CA PHE B 170 -13.85 27.36 -6.52
C PHE B 170 -12.93 28.43 -7.04
N ALA B 171 -12.98 29.59 -6.42
CA ALA B 171 -12.08 30.65 -6.80
C ALA B 171 -11.01 30.74 -5.71
N LEU B 172 -9.82 31.23 -6.08
CA LEU B 172 -8.77 31.46 -5.10
C LEU B 172 -9.20 32.56 -4.17
N ALA B 173 -8.58 32.61 -2.99
CA ALA B 173 -8.83 33.72 -2.06
C ALA B 173 -7.86 34.86 -2.37
N PRO B 174 -8.35 36.11 -2.31
CA PRO B 174 -7.52 37.28 -2.55
C PRO B 174 -6.09 37.13 -2.00
N ASP B 175 -5.98 36.89 -0.69
CA ASP B 175 -4.69 36.69 -0.01
C ASP B 175 -3.93 35.43 -0.47
N THR B 176 -4.67 34.35 -0.73
CA THR B 176 -4.09 33.10 -1.19
C THR B 176 -3.46 33.30 -2.57
N GLU B 177 -4.29 33.73 -3.51
CA GLU B 177 -3.87 34.09 -4.86
C GLU B 177 -2.63 34.97 -4.82
N GLN B 178 -2.74 36.10 -4.12
CA GLN B 178 -1.61 37.02 -3.98
C GLN B 178 -0.34 36.26 -3.59
N ALA B 179 -0.38 35.61 -2.42
CA ALA B 179 0.77 34.87 -1.91
C ALA B 179 1.44 34.03 -3.00
N ILE B 180 0.64 33.31 -3.78
CA ILE B 180 1.18 32.45 -4.84
C ILE B 180 2.17 33.20 -5.71
N VAL B 181 1.71 34.29 -6.33
CA VAL B 181 2.55 35.08 -7.23
C VAL B 181 3.86 35.41 -6.53
N GLN B 182 3.75 35.86 -5.28
CA GLN B 182 4.90 36.30 -4.48
C GLN B 182 5.91 35.18 -4.25
N ASN B 183 5.41 33.96 -4.06
CA ASN B 183 6.28 32.82 -3.74
C ASN B 183 6.34 31.78 -4.84
N ALA B 184 5.86 32.17 -6.02
CA ALA B 184 5.91 31.33 -7.22
C ALA B 184 7.23 30.55 -7.37
N PRO B 185 8.37 31.25 -7.31
CA PRO B 185 9.68 30.63 -7.58
C PRO B 185 9.91 29.31 -6.88
N LEU B 186 9.41 29.18 -5.65
CA LEU B 186 9.71 28.06 -4.78
C LEU B 186 9.45 26.70 -5.41
N LEU B 187 8.73 26.72 -6.53
CA LEU B 187 8.29 25.53 -7.26
C LEU B 187 9.40 24.67 -7.86
N ALA B 188 10.43 25.32 -8.38
CA ALA B 188 11.55 24.64 -9.02
C ALA B 188 12.31 23.72 -8.06
N HIS B 189 11.91 23.74 -6.78
CA HIS B 189 12.50 22.86 -5.76
C HIS B 189 11.79 21.51 -5.68
N ILE B 190 10.54 21.46 -6.15
CA ILE B 190 9.74 20.24 -6.09
C ILE B 190 10.01 19.33 -7.27
N SER B 191 10.08 18.03 -6.99
CA SER B 191 10.38 17.03 -8.00
C SER B 191 9.36 17.05 -9.13
N VAL B 192 9.86 16.98 -10.36
CA VAL B 192 9.03 16.96 -11.56
C VAL B 192 7.85 16.00 -11.44
N GLU B 193 8.15 14.79 -10.99
CA GLU B 193 7.17 13.74 -10.74
C GLU B 193 5.93 14.34 -10.10
N ARG B 194 6.10 14.90 -8.91
CA ARG B 194 5.00 15.45 -8.16
C ARG B 194 4.28 16.63 -8.88
N THR B 196 3.90 16.63 -12.33
CA THR B 196 3.12 15.97 -13.36
C THR B 196 1.75 15.60 -12.87
N GLU B 198 -0.08 16.64 -10.59
CA GLU B 198 -0.93 17.81 -10.36
C GLU B 198 -1.42 18.41 -11.64
N GLU B 200 -1.66 16.81 -14.38
CA GLU B 200 -2.53 15.73 -14.86
C GLU B 200 -3.99 15.87 -14.45
N LYS B 201 -4.23 16.11 -13.16
CA LYS B 201 -5.57 16.28 -12.62
C LYS B 201 -6.15 17.60 -13.08
N LEU B 202 -5.33 18.64 -13.07
CA LEU B 202 -5.76 19.96 -13.48
C LEU B 202 -6.32 19.96 -14.90
N LEU B 203 -5.72 19.15 -15.77
CA LEU B 203 -6.23 19.00 -17.13
C LEU B 203 -7.62 18.29 -17.27
N GLY B 204 -8.02 17.46 -16.30
CA GLY B 204 -9.26 16.71 -16.40
C GLY B 204 -10.39 17.47 -15.72
N GLY B 205 -10.02 18.68 -15.25
CA GLY B 205 -10.91 19.50 -14.47
C GLY B 205 -12.07 19.87 -15.33
N PRO B 206 -13.28 19.81 -14.79
CA PRO B 206 -14.42 20.43 -15.48
C PRO B 206 -14.25 21.95 -15.48
N PHE B 207 -13.22 22.47 -14.85
CA PHE B 207 -12.98 23.91 -14.92
C PHE B 207 -11.61 24.25 -15.45
N ALA B 208 -10.98 23.26 -16.08
CA ALA B 208 -9.64 23.40 -16.57
C ALA B 208 -9.63 24.63 -17.41
N ALA B 209 -10.71 24.77 -18.15
CA ALA B 209 -10.95 25.93 -19.01
C ALA B 209 -10.53 27.25 -18.38
N ARG B 210 -10.47 27.31 -17.05
CA ARG B 210 -10.07 28.55 -16.39
C ARG B 210 -8.89 28.32 -15.45
N ALA B 211 -8.48 27.06 -15.35
CA ALA B 211 -7.40 26.70 -14.47
C ALA B 211 -6.09 27.09 -15.10
N LEU B 212 -5.92 26.70 -16.36
CA LEU B 212 -4.72 27.02 -17.12
C LEU B 212 -4.44 28.52 -17.20
N PRO B 213 -5.43 29.32 -17.54
CA PRO B 213 -5.25 30.77 -17.47
C PRO B 213 -4.61 31.11 -16.12
N LEU B 214 -5.36 30.95 -15.03
CA LEU B 214 -4.88 31.23 -13.67
C LEU B 214 -3.42 30.87 -13.49
N LEU B 215 -3.09 29.64 -13.86
CA LEU B 215 -1.73 29.14 -13.83
C LEU B 215 -0.73 30.18 -14.33
N ALA B 216 -1.18 31.05 -15.24
CA ALA B 216 -0.36 32.12 -15.78
C ALA B 216 -0.50 33.45 -15.03
N GLU B 217 -1.73 33.84 -14.73
CA GLU B 217 -2.01 35.05 -13.96
C GLU B 217 -1.32 35.01 -12.58
N THR B 218 -1.06 33.81 -12.08
CA THR B 218 -0.17 33.63 -10.94
C THR B 218 1.23 33.34 -11.47
N GLY B 219 2.22 33.69 -10.67
CA GLY B 219 3.60 33.35 -11.02
C GLY B 219 3.76 31.94 -11.57
N LEU B 220 2.93 30.99 -11.12
CA LEU B 220 3.14 29.55 -11.29
C LEU B 220 3.62 29.08 -12.64
N ASN B 221 3.25 29.83 -13.67
CA ASN B 221 3.80 29.63 -14.99
C ASN B 221 5.29 30.00 -15.02
N ALA B 222 6.07 29.27 -15.81
CA ALA B 222 7.53 29.50 -15.99
C ALA B 222 8.40 28.82 -14.92
N TYR B 223 7.78 27.95 -14.13
CA TYR B 223 8.50 27.08 -13.21
C TYR B 223 8.12 25.64 -13.49
N LEU B 224 7.11 25.47 -14.35
CA LEU B 224 6.64 24.19 -14.82
C LEU B 224 7.20 23.86 -16.21
N PRO B 225 7.63 22.61 -16.36
CA PRO B 225 8.30 22.14 -17.58
C PRO B 225 7.72 22.69 -18.88
N GLY B 226 8.56 23.23 -19.74
CA GLY B 226 8.16 23.69 -21.05
C GLY B 226 7.19 24.86 -21.09
N LEU B 227 6.75 25.28 -19.90
CA LEU B 227 5.79 26.37 -19.79
C LEU B 227 6.49 27.70 -19.53
N ALA B 228 7.60 27.91 -20.22
CA ALA B 228 8.36 29.15 -20.10
C ALA B 228 7.76 30.24 -20.98
N GLY B 229 7.32 31.34 -20.36
CA GLY B 229 6.81 32.50 -21.08
C GLY B 229 5.66 32.32 -22.07
N LYS B 230 4.99 31.16 -22.03
CA LYS B 230 3.85 30.87 -22.90
C LYS B 230 2.61 31.63 -22.44
N GLU B 231 2.77 32.48 -21.43
CA GLU B 231 1.69 33.26 -20.82
C GLU B 231 0.50 33.45 -21.74
N LYS B 232 0.73 34.13 -22.87
CA LYS B 232 -0.28 34.34 -23.89
C LYS B 232 -1.04 33.06 -24.16
N GLN B 233 -0.32 32.05 -24.64
CA GLN B 233 -0.90 30.77 -25.07
C GLN B 233 -1.89 30.17 -24.07
N LEU B 234 -1.49 30.11 -22.80
CA LEU B 234 -2.33 29.61 -21.72
C LEU B 234 -3.69 30.29 -21.60
N ARG B 235 -3.68 31.62 -21.57
CA ARG B 235 -4.90 32.41 -21.40
C ARG B 235 -5.84 32.12 -22.54
N LEU B 236 -5.28 32.03 -23.74
CA LEU B 236 -6.08 31.76 -24.91
C LEU B 236 -6.69 30.40 -24.74
N ALA B 237 -5.93 29.51 -24.11
CA ALA B 237 -6.38 28.16 -23.95
C ALA B 237 -7.83 28.16 -23.51
N ALA B 238 -8.25 29.15 -22.74
CA ALA B 238 -9.60 29.13 -22.21
C ALA B 238 -10.63 28.55 -23.18
N ALA B 239 -10.50 28.88 -24.48
CA ALA B 239 -11.55 28.58 -25.47
C ALA B 239 -11.75 27.11 -25.80
N TYR B 240 -10.71 26.30 -25.58
CA TYR B 240 -10.69 24.86 -25.86
C TYR B 240 -11.70 24.04 -25.03
N ARG B 241 -12.39 23.14 -25.68
CA ARG B 241 -13.42 22.40 -25.05
C ARG B 241 -12.80 21.23 -24.25
N TRP B 242 -11.81 21.53 -23.37
CA TRP B 242 -11.09 20.55 -22.54
C TRP B 242 -11.95 19.37 -22.06
N PRO B 243 -12.91 19.60 -21.16
CA PRO B 243 -13.85 18.56 -20.76
C PRO B 243 -14.30 17.48 -21.74
N TRP B 244 -14.34 17.61 -23.06
CA TRP B 244 -14.59 16.35 -23.81
C TRP B 244 -13.38 15.41 -24.00
N LEU B 245 -12.20 15.91 -23.68
CA LEU B 245 -11.07 15.04 -23.63
C LEU B 245 -11.32 13.85 -22.62
N ALA B 246 -11.18 12.62 -23.16
CA ALA B 246 -11.54 11.38 -22.51
C ALA B 246 -10.37 10.81 -21.78
N ALA B 247 -9.21 10.82 -22.44
CA ALA B 247 -8.04 10.19 -21.85
C ALA B 247 -6.76 11.04 -21.88
N ARG B 248 -5.83 10.56 -21.04
CA ARG B 248 -4.54 11.18 -20.78
C ARG B 248 -3.82 11.71 -22.01
N GLU B 249 -3.58 10.88 -23.00
CA GLU B 249 -2.88 11.31 -24.20
C GLU B 249 -3.55 12.53 -24.80
N GLU B 250 -4.88 12.41 -24.95
CA GLU B 250 -5.72 13.36 -25.64
C GLU B 250 -5.59 14.69 -24.96
N ARG B 251 -5.56 14.63 -23.63
CA ARG B 251 -5.30 15.79 -22.83
C ARG B 251 -3.97 16.46 -23.19
N TRP B 252 -2.85 15.75 -23.03
CA TRP B 252 -1.54 16.34 -23.30
C TRP B 252 -1.48 16.80 -24.72
N ALA B 253 -2.03 15.98 -25.62
CA ALA B 253 -2.12 16.38 -27.04
C ALA B 253 -2.53 17.83 -27.14
N LEU B 254 -3.73 18.09 -26.67
CA LEU B 254 -4.30 19.43 -26.69
C LEU B 254 -3.44 20.48 -26.00
N LEU B 255 -2.82 20.10 -24.88
CA LEU B 255 -1.98 21.02 -24.11
C LEU B 255 -0.89 21.50 -24.98
N CYS B 256 -0.37 20.63 -25.81
CA CYS B 256 0.60 21.06 -26.78
C CYS B 256 -0.04 22.02 -27.78
N HIS B 257 -0.97 21.50 -28.58
CA HIS B 257 -1.59 22.23 -29.68
C HIS B 257 -2.02 23.67 -29.33
N ALA B 258 -2.31 23.89 -28.05
CA ALA B 258 -2.75 25.17 -27.55
C ALA B 258 -1.60 26.01 -27.06
N LEU B 259 -0.44 25.40 -26.94
CA LEU B 259 0.73 26.15 -26.57
C LEU B 259 1.55 26.34 -27.83
N GLY B 260 0.95 25.96 -28.96
CA GLY B 260 1.62 25.95 -30.26
C GLY B 260 2.97 25.25 -30.25
N VAL B 261 3.03 24.09 -29.59
CA VAL B 261 4.30 23.36 -29.41
C VAL B 261 4.76 22.74 -30.72
N GLN B 262 6.06 22.68 -30.88
CA GLN B 262 6.68 22.19 -32.09
C GLN B 262 6.87 20.68 -32.05
N GLU B 263 8.00 20.24 -31.47
CA GLU B 263 8.34 18.83 -31.35
C GLU B 263 7.79 18.32 -30.04
N SER B 264 6.79 17.44 -30.14
CA SER B 264 6.06 16.90 -28.98
C SER B 264 6.96 16.18 -28.01
N ARG B 265 7.83 15.34 -28.56
CA ARG B 265 8.75 14.44 -27.84
C ARG B 265 9.56 15.05 -26.68
N PRO B 266 10.39 16.06 -26.95
CA PRO B 266 11.17 16.68 -25.89
C PRO B 266 10.26 17.21 -24.81
N PHE B 267 9.34 18.10 -25.17
CA PHE B 267 8.39 18.68 -24.22
C PHE B 267 7.77 17.65 -23.26
N LEU B 268 6.87 16.81 -23.76
CA LEU B 268 6.16 15.88 -22.88
C LEU B 268 7.08 15.08 -22.00
N ARG B 269 8.31 14.85 -22.47
CA ARG B 269 9.26 14.04 -21.72
C ARG B 269 9.70 14.77 -20.48
N ALA B 270 9.89 16.07 -20.62
CA ALA B 270 10.31 16.90 -19.52
C ALA B 270 9.38 16.72 -18.34
N TRP B 271 8.10 16.46 -18.63
CA TRP B 271 7.12 16.18 -17.59
C TRP B 271 7.20 14.74 -17.09
N LYS B 272 8.28 14.03 -17.44
CA LYS B 272 8.52 12.63 -17.02
C LYS B 272 7.27 11.74 -17.06
N LEU B 273 6.47 11.93 -18.11
CA LEU B 273 5.33 11.07 -18.39
C LEU B 273 5.88 9.78 -18.92
N PRO B 274 5.20 8.67 -18.66
CA PRO B 274 5.63 7.36 -19.18
C PRO B 274 5.64 7.33 -20.71
N ASN B 275 6.56 6.56 -21.29
CA ASN B 275 6.79 6.61 -22.73
C ASN B 275 5.51 6.45 -23.52
N LYS B 276 4.86 5.31 -23.36
CA LYS B 276 3.66 5.00 -24.13
C LYS B 276 2.77 6.21 -24.40
N VAL B 277 2.55 7.03 -23.38
CA VAL B 277 1.79 8.26 -23.46
C VAL B 277 2.44 9.30 -24.37
N VAL B 278 3.72 9.57 -24.15
CA VAL B 278 4.46 10.58 -24.89
C VAL B 278 4.58 10.23 -26.35
N ASP B 279 4.59 8.93 -26.66
CA ASP B 279 4.49 8.43 -28.02
C ASP B 279 3.10 8.60 -28.65
N GLU B 280 2.06 8.07 -27.97
CA GLU B 280 0.66 8.19 -28.39
C GLU B 280 0.19 9.59 -28.39
N ALA B 281 0.76 10.42 -27.53
CA ALA B 281 0.49 11.85 -27.62
C ALA B 281 0.93 12.41 -28.98
N GLY B 282 2.24 12.33 -29.26
CA GLY B 282 2.80 12.68 -30.57
C GLY B 282 1.91 12.12 -31.67
N ALA B 283 1.74 10.79 -31.63
CA ALA B 283 0.90 10.08 -32.59
C ALA B 283 -0.26 10.95 -33.08
N ILE B 284 -1.02 11.52 -32.15
CA ILE B 284 -2.25 12.21 -32.51
C ILE B 284 -1.83 13.53 -33.07
N LEU B 285 -1.06 14.25 -32.27
CA LEU B 285 -0.60 15.59 -32.65
C LEU B 285 -0.14 15.57 -34.10
N THR B 286 0.61 14.52 -34.45
CA THR B 286 1.05 14.21 -35.81
C THR B 286 -0.09 13.97 -36.78
N ALA B 287 -0.80 12.85 -36.66
CA ALA B 287 -1.99 12.61 -37.48
C ALA B 287 -2.96 13.82 -37.58
N LEU B 288 -3.06 14.59 -36.51
CA LEU B 288 -3.81 15.84 -36.53
C LEU B 288 -3.21 16.85 -37.51
N ALA B 289 -1.92 17.13 -37.44
CA ALA B 289 -1.35 18.02 -38.42
C ALA B 289 -1.46 17.47 -39.83
N ASP B 290 -1.42 16.13 -39.98
CA ASP B 290 -1.37 15.53 -41.31
C ASP B 290 -2.72 15.53 -41.96
N ILE B 291 -3.76 15.26 -41.20
CA ILE B 291 -5.10 15.37 -41.77
C ILE B 291 -5.86 16.57 -41.18
N PRO B 292 -6.07 17.62 -41.96
CA PRO B 292 -6.60 18.88 -41.40
C PRO B 292 -8.11 18.93 -41.31
N ARG B 293 -8.77 18.00 -42.00
CA ARG B 293 -10.22 17.95 -42.05
C ARG B 293 -10.74 16.53 -41.92
N PRO B 294 -11.73 16.32 -41.07
CA PRO B 294 -12.35 15.02 -40.85
C PRO B 294 -12.90 14.29 -42.07
N GLU B 295 -13.11 14.96 -43.19
CA GLU B 295 -13.61 14.27 -44.36
C GLU B 295 -12.50 13.52 -45.01
N ALA B 296 -11.27 13.97 -44.77
CA ALA B 296 -10.10 13.51 -45.52
C ALA B 296 -9.43 12.23 -45.03
N TRP B 297 -9.88 11.65 -43.93
CA TRP B 297 -9.28 10.38 -43.50
C TRP B 297 -9.31 9.42 -44.67
N THR B 298 -8.19 8.71 -44.87
CA THR B 298 -8.02 7.76 -45.96
C THR B 298 -7.81 6.39 -45.47
N ASN B 299 -8.52 5.47 -46.09
CA ASN B 299 -8.39 4.10 -45.72
C ASN B 299 -6.98 3.84 -45.21
N GLU B 300 -5.99 4.36 -45.92
CA GLU B 300 -4.58 4.18 -45.57
C GLU B 300 -4.39 4.73 -44.17
N GLN B 301 -4.67 6.02 -43.99
CA GLN B 301 -4.32 6.73 -42.77
C GLN B 301 -5.01 6.12 -41.57
N LEU B 302 -6.29 5.85 -41.74
CA LEU B 302 -7.07 5.18 -40.74
C LEU B 302 -6.44 3.87 -40.37
N PHE B 303 -6.19 3.03 -41.38
CA PHE B 303 -5.53 1.72 -41.19
C PHE B 303 -4.27 1.88 -40.42
N SER B 304 -3.51 2.90 -40.79
CA SER B 304 -2.30 3.21 -40.09
C SER B 304 -2.56 3.49 -38.64
N ALA B 305 -3.41 4.45 -38.38
CA ALA B 305 -3.55 4.93 -37.02
C ALA B 305 -4.38 4.05 -36.10
N GLY B 306 -5.12 3.11 -36.65
CA GLY B 306 -5.87 2.15 -35.86
C GLY B 306 -6.97 2.74 -35.00
N LEU B 307 -8.21 2.40 -35.33
CA LEU B 307 -9.43 3.07 -34.86
C LEU B 307 -9.30 3.97 -33.64
N GLU B 308 -8.87 3.39 -32.53
CA GLU B 308 -8.77 4.08 -31.25
C GLU B 308 -8.21 5.48 -31.42
N ARG B 309 -6.96 5.57 -31.92
CA ARG B 309 -6.26 6.83 -32.08
C ARG B 309 -7.04 7.71 -33.01
N ALA B 310 -7.43 7.15 -34.13
CA ALA B 310 -8.27 7.86 -35.09
C ALA B 310 -9.39 8.65 -34.37
N LEU B 311 -10.17 7.97 -33.55
CA LEU B 311 -11.16 8.70 -32.81
C LEU B 311 -10.50 9.77 -31.96
N SER B 312 -9.50 9.36 -31.19
CA SER B 312 -8.85 10.29 -30.29
C SER B 312 -8.42 11.55 -31.03
N VAL B 313 -8.01 11.43 -32.30
CA VAL B 313 -7.67 12.60 -33.10
C VAL B 313 -8.88 13.55 -33.17
N GLU B 314 -9.99 12.98 -33.66
CA GLU B 314 -11.22 13.72 -33.94
C GLU B 314 -11.81 14.41 -32.73
N THR B 315 -11.62 13.81 -31.57
CA THR B 315 -12.00 14.40 -30.31
C THR B 315 -11.11 15.57 -29.92
N VAL B 316 -9.79 15.38 -30.09
CA VAL B 316 -8.83 16.41 -29.75
C VAL B 316 -9.20 17.54 -30.65
N ARG B 317 -9.53 17.22 -31.89
CA ARG B 317 -9.92 18.24 -32.85
C ARG B 317 -11.15 18.99 -32.39
N ALA B 318 -12.17 18.25 -31.99
CA ALA B 318 -13.37 18.86 -31.48
C ALA B 318 -12.97 19.76 -30.34
N ALA B 319 -12.09 19.31 -29.46
CA ALA B 319 -11.80 20.06 -28.26
C ALA B 319 -11.33 21.44 -28.66
N PHE B 320 -10.95 21.57 -29.92
CA PHE B 320 -10.37 22.81 -30.40
C PHE B 320 -11.35 23.56 -31.27
N THR B 321 -11.88 22.93 -32.32
CA THR B 321 -12.84 23.58 -33.23
C THR B 321 -14.11 24.08 -32.55
N GLY B 322 -14.78 23.19 -31.86
CA GLY B 322 -16.01 23.51 -31.20
C GLY B 322 -17.05 22.54 -31.73
N ALA B 323 -16.71 21.89 -32.84
CA ALA B 323 -17.56 20.87 -33.44
C ALA B 323 -17.63 19.62 -32.58
N PRO B 324 -18.80 19.05 -32.44
CA PRO B 324 -18.94 17.77 -31.78
C PRO B 324 -18.50 16.61 -32.69
N PRO B 325 -17.72 15.68 -32.13
CA PRO B 325 -17.29 14.43 -32.75
C PRO B 325 -18.33 13.46 -33.18
N GLY B 326 -19.33 13.21 -32.36
CA GLY B 326 -20.49 12.39 -32.76
C GLY B 326 -20.46 11.82 -34.19
N PRO B 327 -20.85 12.63 -35.16
CA PRO B 327 -20.90 12.20 -36.58
C PRO B 327 -19.60 11.57 -37.12
N TRP B 328 -18.47 12.18 -36.78
CA TRP B 328 -17.18 11.66 -37.23
C TRP B 328 -16.88 10.34 -36.58
N HIS B 329 -16.94 10.33 -35.25
CA HIS B 329 -16.69 9.10 -34.51
C HIS B 329 -17.56 7.99 -35.05
N GLU B 330 -18.78 8.31 -35.46
CA GLU B 330 -19.64 7.27 -36.04
C GLU B 330 -19.18 6.84 -37.40
N LYS B 331 -18.95 7.80 -38.29
CA LYS B 331 -18.36 7.53 -39.60
C LYS B 331 -17.01 6.73 -39.55
N LEU B 332 -16.05 7.16 -38.73
CA LEU B 332 -14.81 6.41 -38.54
C LEU B 332 -15.09 4.97 -38.18
N ARG B 333 -15.76 4.75 -37.06
CA ARG B 333 -16.14 3.40 -36.69
C ARG B 333 -16.80 2.59 -37.82
N ARG B 334 -17.36 3.26 -38.82
CA ARG B 334 -18.08 2.58 -39.89
C ARG B 334 -17.12 2.07 -40.90
N ARG B 335 -16.31 2.96 -41.44
CA ARG B 335 -15.23 2.59 -42.36
C ARG B 335 -14.37 1.52 -41.77
N PHE B 336 -13.89 1.75 -40.56
CA PHE B 336 -12.91 0.86 -39.98
C PHE B 336 -13.30 -0.64 -40.04
N ALA B 337 -14.59 -0.93 -40.09
CA ALA B 337 -15.04 -2.30 -40.28
C ALA B 337 -15.23 -2.63 -41.75
N SER B 338 -14.98 -1.66 -42.62
CA SER B 338 -15.09 -1.87 -44.06
C SER B 338 -13.71 -2.03 -44.67
N LEU B 339 -12.68 -1.56 -43.95
CA LEU B 339 -11.30 -1.84 -44.32
C LEU B 339 -11.19 -3.35 -44.46
N PRO B 340 -10.83 -3.84 -45.65
CA PRO B 340 -10.74 -5.28 -45.89
C PRO B 340 -9.65 -5.97 -45.10
N ILE B 341 -8.85 -5.18 -44.39
CA ILE B 341 -7.95 -5.68 -43.35
C ILE B 341 -7.84 -4.62 -42.25
N LYS B 342 -7.65 -5.02 -41.00
CA LYS B 342 -7.55 -4.07 -39.90
C LYS B 342 -6.20 -4.02 -39.19
N THR B 343 -5.38 -5.08 -39.34
CA THR B 343 -3.94 -5.06 -39.00
C THR B 343 -3.14 -5.65 -40.13
N LYS B 344 -1.83 -5.51 -40.05
CA LYS B 344 -0.96 -6.14 -41.04
C LYS B 344 -0.96 -7.68 -40.94
N GLY B 345 -1.25 -8.17 -39.73
CA GLY B 345 -1.24 -9.60 -39.46
C GLY B 345 -2.28 -10.38 -40.24
N GLU B 346 -3.32 -9.66 -40.67
CA GLU B 346 -4.40 -10.20 -41.48
C GLU B 346 -4.05 -10.40 -42.96
N LEU B 347 -2.95 -9.79 -43.40
CA LEU B 347 -2.54 -9.88 -44.78
C LEU B 347 -2.45 -11.33 -45.21
N ALA B 348 -3.11 -11.65 -46.32
CA ALA B 348 -3.17 -13.02 -46.84
C ALA B 348 -1.80 -13.62 -47.19
N VAL B 349 -0.79 -12.76 -47.25
CA VAL B 349 0.45 -13.05 -47.92
C VAL B 349 1.59 -12.52 -47.07
N ASN B 350 2.50 -13.42 -46.73
CA ASN B 350 3.63 -13.08 -45.87
C ASN B 350 4.90 -12.80 -46.67
N GLY B 351 5.87 -12.18 -46.02
CA GLY B 351 7.15 -11.85 -46.66
C GLY B 351 7.93 -13.00 -47.32
N LYS B 352 7.81 -14.19 -46.76
CA LYS B 352 8.43 -15.37 -47.35
C LYS B 352 7.67 -15.79 -48.61
N ASP B 353 6.49 -15.23 -48.82
CA ASP B 353 5.69 -15.53 -50.00
C ASP B 353 6.17 -14.68 -51.17
N VAL B 354 6.66 -13.49 -50.87
CA VAL B 354 7.09 -12.54 -51.89
C VAL B 354 8.49 -12.93 -52.33
N ILE B 355 9.20 -13.64 -51.47
CA ILE B 355 10.55 -14.04 -51.82
C ILE B 355 10.56 -15.21 -52.78
N GLU B 356 9.91 -16.30 -52.40
CA GLU B 356 9.77 -17.47 -53.25
C GLU B 356 9.00 -17.15 -54.54
N TRP B 357 8.67 -15.87 -54.71
CA TRP B 357 7.79 -15.41 -55.78
C TRP B 357 8.48 -14.58 -56.84
N VAL B 358 9.39 -13.72 -56.40
CA VAL B 358 10.18 -12.83 -57.25
C VAL B 358 11.63 -13.28 -57.29
N GLY B 359 11.88 -14.58 -57.22
CA GLY B 359 13.22 -15.08 -57.05
C GLY B 359 14.32 -14.07 -56.72
N LYS B 360 14.29 -13.53 -55.53
CA LYS B 360 15.31 -12.58 -55.11
C LYS B 360 15.69 -12.95 -53.68
N PRO B 361 16.90 -12.61 -53.24
CA PRO B 361 17.34 -12.95 -51.88
C PRO B 361 16.69 -12.06 -50.83
N ALA B 362 16.45 -12.61 -49.64
CA ALA B 362 15.86 -11.87 -48.52
C ALA B 362 16.58 -10.55 -48.26
N GLY B 363 15.83 -9.45 -48.27
CA GLY B 363 16.43 -8.13 -48.08
C GLY B 363 15.53 -7.01 -47.58
N PRO B 364 16.01 -5.76 -47.69
CA PRO B 364 15.17 -4.57 -47.49
C PRO B 364 14.11 -4.31 -48.56
N TRP B 365 14.36 -4.60 -49.85
CA TRP B 365 13.30 -4.50 -50.89
C TRP B 365 11.99 -5.22 -50.51
N VAL B 366 12.07 -6.22 -49.63
CA VAL B 366 10.92 -7.01 -49.18
C VAL B 366 9.91 -6.13 -48.44
N LYS B 367 10.38 -5.38 -47.44
CA LYS B 367 9.52 -4.45 -46.72
C LYS B 367 8.71 -3.71 -47.76
N GLU B 368 9.38 -2.87 -48.54
CA GLU B 368 8.78 -2.05 -49.61
C GLU B 368 7.69 -2.80 -50.39
N ALA B 369 7.87 -4.10 -50.55
CA ALA B 369 6.92 -4.90 -51.31
C ALA B 369 5.64 -5.04 -50.55
N LEU B 370 5.69 -5.76 -49.44
CA LEU B 370 4.53 -5.93 -48.57
C LEU B 370 3.85 -4.61 -48.19
N ASP B 371 4.69 -3.63 -47.87
CA ASP B 371 4.29 -2.28 -47.59
C ASP B 371 3.55 -1.63 -48.76
N ALA B 372 3.45 -2.32 -49.87
CA ALA B 372 2.62 -1.81 -50.94
C ALA B 372 1.52 -2.79 -51.30
N ILE B 373 1.60 -4.00 -50.75
CA ILE B 373 0.56 -5.00 -50.96
C ILE B 373 -0.63 -4.68 -50.07
N TRP B 374 -0.39 -4.31 -48.80
CA TRP B 374 -1.52 -3.97 -47.93
C TRP B 374 -2.09 -2.69 -48.44
N ARG B 375 -1.25 -1.68 -48.64
CA ARG B 375 -1.69 -0.38 -49.14
C ARG B 375 -2.59 -0.51 -50.36
N ALA B 376 -2.61 -1.71 -50.92
CA ALA B 376 -3.31 -1.98 -52.16
C ALA B 376 -4.48 -2.86 -51.89
N VAL B 377 -4.34 -3.65 -50.84
CA VAL B 377 -5.48 -4.38 -50.28
C VAL B 377 -6.48 -3.43 -49.58
N VAL B 378 -5.95 -2.58 -48.71
CA VAL B 378 -6.71 -1.64 -47.93
C VAL B 378 -7.45 -0.72 -48.87
N ASN B 379 -6.81 -0.26 -49.95
CA ASN B 379 -7.47 0.72 -50.81
C ASN B 379 -8.36 0.06 -51.82
N GLY B 380 -8.55 -1.24 -51.65
CA GLY B 380 -9.47 -2.04 -52.46
C GLY B 380 -9.10 -2.25 -53.91
N GLU B 381 -7.80 -2.23 -54.20
CA GLU B 381 -7.28 -2.34 -55.56
C GLU B 381 -7.23 -3.82 -55.94
N VAL B 382 -6.77 -4.64 -55.00
CA VAL B 382 -6.65 -6.09 -55.17
C VAL B 382 -7.24 -6.80 -53.94
N GLU B 383 -7.91 -7.95 -54.14
CA GLU B 383 -8.41 -8.73 -53.01
C GLU B 383 -7.35 -9.03 -51.94
N ASN B 384 -7.76 -9.59 -50.82
CA ASN B 384 -6.79 -10.07 -49.86
C ASN B 384 -6.82 -11.56 -49.89
N GLU B 385 -6.66 -12.10 -51.09
CA GLU B 385 -6.44 -13.51 -51.30
C GLU B 385 -5.04 -13.78 -51.99
N LYS B 386 -4.37 -14.86 -51.53
CA LYS B 386 -3.03 -15.24 -51.99
C LYS B 386 -2.90 -15.17 -53.51
N GLU B 387 -3.56 -16.08 -54.21
CA GLU B 387 -3.62 -16.09 -55.67
C GLU B 387 -3.66 -14.70 -56.27
N ARG B 388 -4.65 -13.89 -55.88
CA ARG B 388 -4.85 -12.60 -56.53
C ARG B 388 -3.78 -11.60 -56.22
N ILE B 389 -3.28 -11.57 -54.99
CA ILE B 389 -2.10 -10.73 -54.70
C ILE B 389 -0.90 -11.12 -55.53
N TYR B 390 -0.77 -12.40 -55.82
CA TYR B 390 0.31 -12.88 -56.65
C TYR B 390 0.30 -12.19 -58.02
N ALA B 391 -0.73 -12.48 -58.82
CA ALA B 391 -0.87 -11.84 -60.12
C ALA B 391 -0.57 -10.36 -59.98
N TRP B 392 -1.25 -9.72 -59.03
CA TRP B 392 -1.09 -8.28 -58.83
C TRP B 392 0.35 -7.90 -58.66
N LEU B 393 1.10 -8.60 -57.81
CA LEU B 393 2.52 -8.30 -57.64
C LEU B 393 3.27 -8.57 -58.92
N GLU B 395 2.22 -8.76 -62.16
CA GLU B 395 1.94 -7.86 -63.25
C GLU B 395 2.29 -6.41 -62.97
N ARG B 396 2.62 -6.10 -61.72
CA ARG B 396 3.12 -4.77 -61.38
C ARG B 396 4.65 -4.68 -61.48
N ASN B 397 5.36 -5.79 -61.38
CA ASN B 397 6.80 -5.76 -61.46
C ASN B 397 7.38 -5.64 -62.87
N ARG B 398 6.65 -6.13 -63.87
CA ARG B 398 7.05 -5.89 -65.25
C ARG B 398 6.62 -4.49 -65.73
N THR B 399 5.76 -3.85 -64.94
CA THR B 399 5.35 -2.45 -65.19
C THR B 399 6.46 -1.48 -64.75
N ARG B 400 7.27 -1.90 -63.78
CA ARG B 400 8.42 -1.13 -63.32
C ARG B 400 9.63 -1.33 -64.24
N GLU B 401 9.38 -2.01 -65.37
CA GLU B 401 10.38 -2.24 -66.42
C GLU B 401 10.01 -1.45 -67.67
N LYS B 402 8.72 -1.14 -67.78
CA LYS B 402 8.19 -0.30 -68.85
C LYS B 402 8.28 1.19 -68.45
N ASN B 403 8.37 1.44 -67.14
CA ASN B 403 8.47 2.81 -66.60
C ASN B 403 9.86 3.44 -66.65
N CYS B 404 10.90 2.60 -66.53
CA CYS B 404 12.31 3.04 -66.66
C CYS B 404 13.13 2.24 -67.68
#